data_3DPC
#
_entry.id   3DPC
#
_cell.length_a   64.862
_cell.length_b   107.740
_cell.length_c   148.389
_cell.angle_alpha   90.00
_cell.angle_beta   90.00
_cell.angle_gamma   90.00
#
_symmetry.space_group_name_H-M   'P 21 21 21'
#
loop_
_entity.id
_entity.type
_entity.pdbx_description
1 polymer 'Alkaline phosphatase'
2 polymer 'Phosphorylated Peptide'
3 non-polymer 'PHOSPHATE ION'
4 non-polymer 2-AMINO-2-HYDROXYMETHYL-PROPANE-1,3-DIOL
5 water water
#
loop_
_entity_poly.entity_id
_entity_poly.type
_entity_poly.pdbx_seq_one_letter_code
_entity_poly.pdbx_strand_id
1 'polypeptide(L)'
;TPEMPVLENRAAQGDITAPGGARRLTGDQTAALRDSLSDKPAKNIILLIGDGMGDSEITAARNYAEGAGGFFKGIDALPL
TGQYTHYALNKKTGKPDYVTDLAASATAWSTGVKTYNGALGVDIHEKDHPTILEMAKAAGLATGNVSTAELQDATPAALV
AHVTSRKCYGPSATSEKCPGNALEKGGKGSITEQLLNARADVTLGGGAKTFAETATAGEWQGKTLREQAQARGYQLVSDA
ASLNSVTEANQQKPLLGLFADGNMPVRWLGPKATYHGNIDKPAVTCTPNPQRNDSVPTLAQMTDKAIELLSKNEKGFFLQ
VEGASIDKQDHAANPCGQIGETVDLDEAVQRALEFAKKEGNTLVIVTADHAHASQIVAPDTKAPGLTQALNTKDGAVMVM
SYGNSEEDSQEHTGSQLRIAAYGPHAANVVGLTDQTDLFYTMKAALGLKHHHHHH
;
A,B
2 'polypeptide(L)' HA(TPO)PPKKEAD C
#
loop_
_chem_comp.id
_chem_comp.type
_chem_comp.name
_chem_comp.formula
PO4 non-polymer 'PHOSPHATE ION' 'O4 P -3'
TRS non-polymer 2-AMINO-2-HYDROXYMETHYL-PROPANE-1,3-DIOL 'C4 H12 N O3 1'
#
# COMPACT_ATOMS: atom_id res chain seq x y z
N PRO A 2 -19.57 -18.55 17.33
CA PRO A 2 -18.42 -18.01 16.57
C PRO A 2 -18.85 -16.91 15.61
N GLU A 3 -18.93 -15.68 16.12
CA GLU A 3 -19.32 -14.54 15.30
C GLU A 3 -18.05 -13.89 14.75
N MET A 4 -18.10 -13.41 13.52
CA MET A 4 -16.94 -12.77 12.91
C MET A 4 -16.79 -11.35 13.42
N PRO A 5 -15.66 -11.06 14.06
CA PRO A 5 -15.35 -9.76 14.63
C PRO A 5 -14.91 -8.67 13.68
N VAL A 6 -15.16 -7.44 14.10
CA VAL A 6 -14.75 -6.25 13.38
C VAL A 6 -13.81 -5.61 14.40
N LEU A 7 -12.67 -5.10 13.94
CA LEU A 7 -11.72 -4.49 14.86
C LEU A 7 -12.36 -3.34 15.65
N GLU A 8 -12.48 -3.54 16.96
CA GLU A 8 -13.09 -2.55 17.84
C GLU A 8 -12.25 -1.28 18.00
N ASN A 9 -10.95 -1.44 18.24
CA ASN A 9 -10.09 -0.28 18.42
C ASN A 9 -8.61 -0.49 18.15
N ARG A 10 -8.15 -0.03 16.98
CA ARG A 10 -6.76 -0.15 16.66
C ARG A 10 -6.06 1.20 16.57
N ALA A 11 -6.25 2.00 17.60
CA ALA A 11 -5.63 3.31 17.69
C ALA A 11 -4.47 3.12 18.65
N ALA A 12 -3.50 4.04 18.66
CA ALA A 12 -2.38 3.90 19.59
C ALA A 12 -2.99 3.74 20.98
N GLN A 13 -2.55 2.73 21.72
CA GLN A 13 -3.10 2.47 23.03
C GLN A 13 -2.78 3.47 24.13
N GLY A 14 -1.75 4.29 23.92
CA GLY A 14 -1.41 5.25 24.96
C GLY A 14 -0.53 6.44 24.61
N ASP A 15 0.47 6.69 25.44
CA ASP A 15 1.39 7.80 25.25
C ASP A 15 2.46 7.48 24.20
N ILE A 16 2.21 7.89 22.97
CA ILE A 16 3.13 7.64 21.86
C ILE A 16 4.60 8.05 22.06
N THR A 17 4.88 8.84 23.09
CA THR A 17 6.26 9.26 23.34
C THR A 17 6.97 8.21 24.21
N ALA A 18 6.18 7.32 24.78
CA ALA A 18 6.69 6.28 25.65
C ALA A 18 6.80 4.95 24.95
N PRO A 19 7.47 3.97 25.58
CA PRO A 19 7.65 2.64 25.02
C PRO A 19 6.30 1.93 24.86
N GLY A 20 6.03 1.43 23.67
CA GLY A 20 4.78 0.73 23.40
C GLY A 20 3.54 1.61 23.34
N GLY A 21 3.67 2.91 23.57
CA GLY A 21 2.52 3.79 23.54
C GLY A 21 1.87 3.97 22.17
N ALA A 22 2.63 3.69 21.11
CA ALA A 22 2.11 3.83 19.77
C ALA A 22 1.54 2.51 19.26
N ARG A 23 1.58 1.49 20.11
CA ARG A 23 1.06 0.17 19.76
C ARG A 23 -0.42 0.25 19.40
N ARG A 24 -0.82 -0.52 18.39
CA ARG A 24 -2.23 -0.54 17.98
C ARG A 24 -2.84 -1.88 18.38
N LEU A 25 -1.98 -2.83 18.74
CA LEU A 25 -2.42 -4.15 19.17
C LEU A 25 -2.26 -4.26 20.68
N THR A 26 -3.11 -5.06 21.32
CA THR A 26 -3.05 -5.26 22.76
C THR A 26 -2.75 -6.72 23.10
N GLY A 27 -2.67 -7.56 22.07
CA GLY A 27 -2.37 -8.96 22.28
C GLY A 27 -2.33 -9.74 20.99
N ASP A 28 -2.07 -11.05 21.09
CA ASP A 28 -2.00 -11.91 19.92
C ASP A 28 -3.29 -11.84 19.12
N GLN A 29 -3.18 -11.94 17.80
CA GLN A 29 -4.32 -11.85 16.90
C GLN A 29 -4.70 -13.16 16.22
N THR A 30 -3.92 -14.21 16.44
CA THR A 30 -4.20 -15.49 15.81
C THR A 30 -5.65 -15.91 16.01
N ALA A 31 -6.15 -15.74 17.24
CA ALA A 31 -7.53 -16.12 17.54
C ALA A 31 -8.51 -15.23 16.78
N ALA A 32 -8.22 -13.93 16.77
CA ALA A 32 -9.06 -12.96 16.08
C ALA A 32 -9.17 -13.30 14.59
N LEU A 33 -8.07 -13.68 13.98
CA LEU A 33 -8.07 -14.02 12.56
C LEU A 33 -8.86 -15.27 12.24
N ARG A 34 -8.62 -16.34 13.00
CA ARG A 34 -9.36 -17.58 12.76
C ARG A 34 -10.86 -17.29 12.84
N ASP A 35 -11.27 -16.53 13.84
CA ASP A 35 -12.68 -16.21 13.99
C ASP A 35 -13.19 -15.30 12.87
N SER A 36 -12.28 -14.77 12.07
CA SER A 36 -12.66 -13.90 10.97
C SER A 36 -12.72 -14.65 9.65
N LEU A 37 -12.48 -15.95 9.71
CA LEU A 37 -12.49 -16.79 8.52
C LEU A 37 -13.68 -17.74 8.45
N SER A 38 -14.40 -17.70 7.34
CA SER A 38 -15.55 -18.59 7.14
C SER A 38 -15.88 -18.68 5.65
N ASP A 39 -16.10 -19.91 5.18
CA ASP A 39 -16.42 -20.12 3.78
C ASP A 39 -17.91 -20.35 3.57
N LYS A 40 -18.70 -20.13 4.62
CA LYS A 40 -20.14 -20.30 4.50
C LYS A 40 -20.57 -19.32 3.42
N PRO A 41 -21.66 -19.63 2.71
CA PRO A 41 -22.14 -18.75 1.65
C PRO A 41 -22.56 -17.36 2.12
N ALA A 42 -22.36 -16.35 1.28
CA ALA A 42 -22.74 -14.99 1.60
C ALA A 42 -24.17 -14.76 1.12
N LYS A 43 -24.98 -14.14 1.96
CA LYS A 43 -26.36 -13.86 1.58
C LYS A 43 -26.36 -12.55 0.80
N ASN A 44 -25.54 -11.61 1.25
CA ASN A 44 -25.44 -10.30 0.61
C ASN A 44 -23.99 -9.86 0.48
N ILE A 45 -23.77 -8.85 -0.34
CA ILE A 45 -22.44 -8.30 -0.56
C ILE A 45 -22.59 -6.79 -0.71
N ILE A 46 -21.78 -6.07 0.05
CA ILE A 46 -21.77 -4.61 -0.01
C ILE A 46 -20.33 -4.28 -0.37
N LEU A 47 -20.12 -3.78 -1.59
CA LEU A 47 -18.80 -3.43 -2.07
C LEU A 47 -18.58 -1.93 -1.99
N LEU A 48 -17.76 -1.47 -1.04
CA LEU A 48 -17.51 -0.04 -0.91
C LEU A 48 -16.29 0.36 -1.75
N ILE A 49 -16.48 1.31 -2.66
CA ILE A 49 -15.39 1.79 -3.49
C ILE A 49 -15.14 3.25 -3.22
N GLY A 50 -13.95 3.54 -2.76
CA GLY A 50 -13.63 4.91 -2.49
C GLY A 50 -12.40 5.30 -3.24
N ASP A 51 -12.52 6.37 -4.02
CA ASP A 51 -11.39 6.89 -4.75
C ASP A 51 -10.57 7.31 -3.56
N GLY A 52 -9.28 7.02 -3.53
CA GLY A 52 -8.56 7.46 -2.36
C GLY A 52 -8.95 6.66 -1.14
N MET A 53 -9.14 5.37 -1.34
CA MET A 53 -9.38 4.48 -0.22
C MET A 53 -8.04 3.76 -0.31
N GLY A 54 -7.10 4.43 -0.98
CA GLY A 54 -5.76 3.91 -1.16
C GLY A 54 -4.96 4.15 0.12
N ASP A 55 -3.86 3.44 0.28
CA ASP A 55 -3.04 3.59 1.48
C ASP A 55 -2.58 5.00 1.80
N SER A 56 -2.20 5.75 0.78
CA SER A 56 -1.71 7.11 0.99
C SER A 56 -2.83 8.08 1.35
N GLU A 57 -3.99 7.94 0.71
CA GLU A 57 -5.10 8.82 1.00
C GLU A 57 -5.69 8.50 2.36
N ILE A 58 -5.68 7.22 2.75
CA ILE A 58 -6.24 6.84 4.04
C ILE A 58 -5.36 7.30 5.20
N THR A 59 -4.05 7.27 5.00
CA THR A 59 -3.14 7.70 6.04
C THR A 59 -3.28 9.20 6.20
N ALA A 60 -3.34 9.92 5.08
CA ALA A 60 -3.49 11.36 5.12
C ALA A 60 -4.77 11.76 5.86
N ALA A 61 -5.89 11.12 5.52
CA ALA A 61 -7.16 11.42 6.16
C ALA A 61 -7.13 11.08 7.64
N ARG A 62 -6.53 9.95 7.99
CA ARG A 62 -6.47 9.55 9.39
C ARG A 62 -5.66 10.58 10.15
N ASN A 63 -4.48 10.90 9.62
CA ASN A 63 -3.61 11.87 10.26
C ASN A 63 -4.39 13.15 10.48
N TYR A 64 -5.14 13.54 9.46
CA TYR A 64 -5.92 14.76 9.53
C TYR A 64 -7.09 14.78 10.51
N ALA A 65 -8.02 13.85 10.34
CA ALA A 65 -9.20 13.81 11.18
C ALA A 65 -9.07 13.03 12.49
N GLU A 66 -8.25 11.97 12.49
CA GLU A 66 -8.08 11.15 13.69
C GLU A 66 -6.72 11.27 14.37
N GLY A 67 -5.77 11.93 13.73
CA GLY A 67 -4.43 12.05 14.30
C GLY A 67 -3.60 10.86 13.87
N ALA A 68 -2.29 10.95 13.96
CA ALA A 68 -1.44 9.84 13.55
C ALA A 68 -1.86 8.58 14.28
N GLY A 69 -2.05 8.70 15.59
CA GLY A 69 -2.45 7.54 16.38
C GLY A 69 -3.93 7.23 16.35
N GLY A 70 -4.66 7.86 15.42
CA GLY A 70 -6.09 7.62 15.31
C GLY A 70 -6.50 6.27 14.77
N PHE A 71 -7.79 6.09 14.57
CA PHE A 71 -8.32 4.83 14.08
C PHE A 71 -9.69 5.02 13.42
N PHE A 72 -9.79 4.67 12.14
CA PHE A 72 -11.06 4.78 11.43
C PHE A 72 -11.94 3.62 11.85
N LYS A 73 -12.98 3.90 12.62
CA LYS A 73 -13.90 2.89 13.12
C LYS A 73 -14.53 2.04 12.00
N GLY A 74 -14.39 2.50 10.75
CA GLY A 74 -14.91 1.75 9.62
C GLY A 74 -13.79 1.25 8.71
N ILE A 75 -13.13 2.19 8.04
CA ILE A 75 -12.04 1.85 7.12
C ILE A 75 -10.90 1.00 7.70
N ASP A 76 -10.42 1.29 8.91
CA ASP A 76 -9.33 0.48 9.48
C ASP A 76 -9.85 -0.73 10.24
N ALA A 77 -11.16 -0.87 10.33
CA ALA A 77 -11.75 -1.96 11.10
C ALA A 77 -11.82 -3.32 10.44
N LEU A 78 -11.58 -3.40 9.14
CA LEU A 78 -11.64 -4.69 8.48
C LEU A 78 -10.40 -5.51 8.78
N PRO A 79 -10.59 -6.74 9.29
CA PRO A 79 -9.57 -7.71 9.68
C PRO A 79 -8.70 -8.30 8.55
N LEU A 80 -9.31 -8.59 7.40
CA LEU A 80 -8.58 -9.17 6.27
C LEU A 80 -8.23 -8.14 5.19
N THR A 81 -6.94 -8.00 4.91
CA THR A 81 -6.48 -7.05 3.92
C THR A 81 -5.54 -7.71 2.91
N GLY A 82 -5.43 -7.10 1.73
CA GLY A 82 -4.41 -7.48 0.77
C GLY A 82 -4.23 -6.46 -0.33
N GLN A 83 -3.41 -6.79 -1.32
CA GLN A 83 -3.15 -5.89 -2.44
C GLN A 83 -3.57 -6.53 -3.76
N TYR A 84 -4.01 -5.70 -4.70
CA TYR A 84 -4.49 -6.18 -5.99
C TYR A 84 -3.97 -5.31 -7.13
N THR A 85 -3.56 -5.97 -8.22
CA THR A 85 -3.06 -5.25 -9.39
C THR A 85 -4.25 -4.83 -10.26
N HIS A 86 -4.06 -3.78 -11.06
CA HIS A 86 -5.16 -3.30 -11.89
C HIS A 86 -4.76 -2.87 -13.28
N TYR A 87 -3.68 -3.44 -13.80
CA TYR A 87 -3.24 -3.11 -15.14
C TYR A 87 -4.35 -3.35 -16.17
N ALA A 88 -4.31 -2.58 -17.25
CA ALA A 88 -5.28 -2.72 -18.33
C ALA A 88 -4.61 -3.41 -19.52
N LEU A 89 -5.36 -3.53 -20.60
CA LEU A 89 -4.83 -4.15 -21.82
C LEU A 89 -4.83 -3.12 -22.93
N ASN A 90 -3.81 -3.17 -23.78
CA ASN A 90 -3.70 -2.26 -24.92
C ASN A 90 -4.61 -2.82 -26.01
N LYS A 91 -5.70 -2.13 -26.30
CA LYS A 91 -6.68 -2.60 -27.28
C LYS A 91 -6.09 -3.20 -28.56
N LYS A 92 -5.06 -2.56 -29.10
CA LYS A 92 -4.43 -3.05 -30.32
C LYS A 92 -3.68 -4.37 -30.15
N THR A 93 -2.70 -4.37 -29.24
CA THR A 93 -1.85 -5.53 -29.01
C THR A 93 -2.31 -6.60 -28.02
N GLY A 94 -3.30 -6.31 -27.20
CA GLY A 94 -3.74 -7.31 -26.24
C GLY A 94 -2.75 -7.41 -25.08
N LYS A 95 -1.64 -6.67 -25.20
CA LYS A 95 -0.63 -6.65 -24.15
C LYS A 95 -1.07 -5.73 -23.02
N PRO A 96 -0.43 -5.84 -21.85
CA PRO A 96 -0.79 -5.00 -20.70
C PRO A 96 -0.50 -3.51 -20.90
N ASP A 97 -1.33 -2.67 -20.28
CA ASP A 97 -1.16 -1.20 -20.26
C ASP A 97 -1.07 -1.02 -18.75
N TYR A 98 0.11 -0.64 -18.27
CA TYR A 98 0.35 -0.53 -16.84
C TYR A 98 -0.46 0.42 -15.97
N VAL A 99 -0.98 1.50 -16.55
CA VAL A 99 -1.79 2.43 -15.75
C VAL A 99 -3.21 2.42 -16.33
N THR A 100 -4.16 1.92 -15.56
CA THR A 100 -5.55 1.83 -15.99
C THR A 100 -6.36 3.06 -15.63
N ASP A 101 -7.38 3.35 -16.43
CA ASP A 101 -8.24 4.47 -16.12
C ASP A 101 -9.41 3.88 -15.32
N LEU A 102 -10.31 4.73 -14.84
CA LEU A 102 -11.44 4.27 -14.03
C LEU A 102 -12.33 3.23 -14.71
N ALA A 103 -12.59 3.41 -15.99
CA ALA A 103 -13.46 2.49 -16.73
C ALA A 103 -12.89 1.08 -16.90
N ALA A 104 -11.64 0.97 -17.32
CA ALA A 104 -11.03 -0.35 -17.50
C ALA A 104 -11.01 -1.05 -16.15
N SER A 105 -10.67 -0.29 -15.11
CA SER A 105 -10.60 -0.77 -13.76
C SER A 105 -11.99 -1.27 -13.30
N ALA A 106 -13.01 -0.43 -13.50
CA ALA A 106 -14.38 -0.77 -13.11
C ALA A 106 -14.94 -1.98 -13.87
N THR A 107 -14.55 -2.10 -15.14
CA THR A 107 -15.01 -3.23 -15.94
C THR A 107 -14.42 -4.51 -15.36
N ALA A 108 -13.16 -4.45 -14.96
CA ALA A 108 -12.47 -5.60 -14.41
C ALA A 108 -13.12 -6.26 -13.20
N TRP A 109 -13.53 -5.49 -12.20
CA TRP A 109 -14.12 -6.12 -11.03
C TRP A 109 -15.61 -6.42 -11.18
N SER A 110 -16.28 -5.71 -12.09
CA SER A 110 -17.71 -5.92 -12.29
C SER A 110 -18.05 -7.03 -13.29
N THR A 111 -17.05 -7.52 -14.02
CA THR A 111 -17.31 -8.57 -15.00
C THR A 111 -16.26 -9.67 -14.99
N GLY A 112 -15.14 -9.42 -14.34
CA GLY A 112 -14.09 -10.42 -14.30
C GLY A 112 -13.21 -10.50 -15.55
N VAL A 113 -13.23 -9.47 -16.38
CA VAL A 113 -12.39 -9.49 -17.57
C VAL A 113 -11.62 -8.19 -17.79
N LYS A 114 -10.37 -8.31 -18.21
CA LYS A 114 -9.53 -7.15 -18.47
C LYS A 114 -10.05 -6.48 -19.73
N THR A 115 -9.66 -5.23 -19.95
CA THR A 115 -10.10 -4.50 -21.14
C THR A 115 -9.26 -3.24 -21.38
N TYR A 116 -9.55 -2.49 -22.43
CA TYR A 116 -8.79 -1.29 -22.72
C TYR A 116 -9.35 -0.08 -21.97
N ASN A 117 -8.52 0.94 -21.77
CA ASN A 117 -8.94 2.14 -21.06
C ASN A 117 -10.05 2.89 -21.76
N GLY A 118 -11.07 3.26 -20.99
CA GLY A 118 -12.21 3.97 -21.53
C GLY A 118 -13.35 3.00 -21.74
N ALA A 119 -13.02 1.74 -21.96
CA ALA A 119 -14.01 0.70 -22.18
C ALA A 119 -14.86 0.46 -20.93
N LEU A 120 -16.17 0.38 -21.12
CA LEU A 120 -17.09 0.13 -20.02
C LEU A 120 -17.98 -1.08 -20.30
N GLY A 121 -17.78 -2.15 -19.54
CA GLY A 121 -18.59 -3.34 -19.72
C GLY A 121 -18.34 -4.15 -20.98
N VAL A 122 -17.21 -3.93 -21.63
CA VAL A 122 -16.86 -4.69 -22.82
C VAL A 122 -15.37 -4.96 -22.83
N ASP A 123 -14.94 -5.95 -23.61
CA ASP A 123 -13.53 -6.32 -23.70
C ASP A 123 -12.87 -5.64 -24.90
N ILE A 124 -11.62 -6.01 -25.17
CA ILE A 124 -10.88 -5.41 -26.28
C ILE A 124 -11.45 -5.73 -27.66
N HIS A 125 -12.52 -6.52 -27.68
CA HIS A 125 -13.17 -6.87 -28.94
C HIS A 125 -14.53 -6.18 -28.94
N GLU A 126 -14.68 -5.23 -28.04
CA GLU A 126 -15.93 -4.48 -27.90
C GLU A 126 -17.13 -5.40 -27.69
N LYS A 127 -16.87 -6.59 -27.16
CA LYS A 127 -17.96 -7.56 -26.91
C LYS A 127 -18.43 -7.49 -25.45
N ASP A 128 -19.72 -7.23 -25.28
CA ASP A 128 -20.34 -7.15 -23.96
C ASP A 128 -20.09 -8.37 -23.08
N HIS A 129 -20.02 -8.15 -21.77
CA HIS A 129 -19.82 -9.22 -20.78
C HIS A 129 -20.71 -8.86 -19.60
N PRO A 130 -21.53 -9.83 -19.13
CA PRO A 130 -22.43 -9.58 -18.00
C PRO A 130 -21.74 -9.04 -16.76
N THR A 131 -22.35 -8.07 -16.09
CA THR A 131 -21.77 -7.51 -14.88
C THR A 131 -22.27 -8.24 -13.65
N ILE A 132 -21.63 -7.99 -12.52
CA ILE A 132 -21.99 -8.62 -11.25
C ILE A 132 -23.45 -8.30 -10.85
N LEU A 133 -23.89 -7.08 -11.12
CA LEU A 133 -25.24 -6.67 -10.77
C LEU A 133 -26.28 -7.38 -11.65
N GLU A 134 -26.00 -7.46 -12.94
CA GLU A 134 -26.93 -8.13 -13.87
C GLU A 134 -27.09 -9.58 -13.42
N MET A 135 -25.98 -10.20 -13.03
CA MET A 135 -26.00 -11.60 -12.60
C MET A 135 -26.76 -11.80 -11.30
N ALA A 136 -26.57 -10.91 -10.33
CA ALA A 136 -27.29 -11.04 -9.08
C ALA A 136 -28.77 -10.90 -9.43
N LYS A 137 -29.03 -10.08 -10.44
CA LYS A 137 -30.40 -9.84 -10.90
C LYS A 137 -31.00 -11.17 -11.33
N ALA A 138 -30.33 -11.87 -12.24
CA ALA A 138 -30.83 -13.13 -12.75
C ALA A 138 -30.98 -14.22 -11.70
N ALA A 139 -30.39 -14.03 -10.52
CA ALA A 139 -30.50 -15.02 -9.47
C ALA A 139 -31.58 -14.63 -8.46
N GLY A 140 -32.29 -13.54 -8.77
CA GLY A 140 -33.35 -13.08 -7.89
C GLY A 140 -32.94 -12.21 -6.72
N LEU A 141 -31.68 -11.79 -6.68
CA LEU A 141 -31.24 -10.94 -5.58
C LEU A 141 -31.56 -9.49 -5.89
N ALA A 142 -31.74 -8.68 -4.85
CA ALA A 142 -32.03 -7.25 -5.04
C ALA A 142 -30.69 -6.59 -5.37
N THR A 143 -30.71 -5.50 -6.12
CA THR A 143 -29.47 -4.82 -6.49
C THR A 143 -29.47 -3.33 -6.17
N GLY A 144 -28.33 -2.84 -5.71
CA GLY A 144 -28.19 -1.44 -5.35
C GLY A 144 -26.95 -0.83 -5.99
N ASN A 145 -27.09 0.36 -6.56
CA ASN A 145 -25.99 1.07 -7.21
C ASN A 145 -25.95 2.51 -6.67
N VAL A 146 -24.94 2.81 -5.84
CA VAL A 146 -24.78 4.13 -5.21
C VAL A 146 -23.42 4.82 -5.41
N SER A 147 -23.45 6.12 -5.68
CA SER A 147 -22.23 6.91 -5.90
C SER A 147 -22.45 8.39 -5.64
N THR A 148 -21.48 9.08 -5.07
CA THR A 148 -21.61 10.52 -4.84
C THR A 148 -21.18 11.27 -6.10
N ALA A 149 -20.86 10.53 -7.14
CA ALA A 149 -20.46 11.10 -8.42
C ALA A 149 -21.70 11.08 -9.31
N GLU A 150 -21.52 11.36 -10.59
CA GLU A 150 -22.63 11.30 -11.53
C GLU A 150 -22.87 9.81 -11.79
N LEU A 151 -24.14 9.39 -11.79
CA LEU A 151 -24.47 7.99 -12.03
C LEU A 151 -23.98 7.47 -13.38
N GLN A 152 -23.69 8.39 -14.30
CA GLN A 152 -23.20 7.98 -15.62
C GLN A 152 -21.70 7.71 -15.57
N ASP A 153 -21.03 8.25 -14.55
CA ASP A 153 -19.59 8.11 -14.43
C ASP A 153 -19.17 6.66 -14.29
N ALA A 154 -17.94 6.38 -14.68
CA ALA A 154 -17.46 5.02 -14.72
C ALA A 154 -17.91 4.02 -13.70
N THR A 155 -17.66 4.34 -12.45
CA THR A 155 -17.92 3.45 -11.36
C THR A 155 -19.29 2.83 -11.25
N PRO A 156 -20.33 3.64 -11.20
CA PRO A 156 -21.69 3.13 -11.09
C PRO A 156 -22.18 2.65 -12.46
N ALA A 157 -21.57 3.18 -13.51
CA ALA A 157 -21.95 2.83 -14.87
C ALA A 157 -21.55 1.42 -15.30
N ALA A 158 -20.37 0.96 -14.87
CA ALA A 158 -19.91 -0.37 -15.26
C ALA A 158 -20.84 -1.52 -14.86
N LEU A 159 -21.63 -1.31 -13.81
CA LEU A 159 -22.55 -2.33 -13.33
C LEU A 159 -23.77 -2.49 -14.21
N VAL A 160 -24.12 -1.44 -14.96
CA VAL A 160 -25.31 -1.50 -15.78
C VAL A 160 -25.19 -1.01 -17.22
N ALA A 161 -23.97 -0.72 -17.68
CA ALA A 161 -23.82 -0.22 -19.04
C ALA A 161 -22.67 -0.85 -19.81
N HIS A 162 -22.90 -1.02 -21.11
CA HIS A 162 -21.91 -1.60 -22.01
C HIS A 162 -21.70 -0.68 -23.20
N VAL A 163 -20.62 0.08 -23.18
CA VAL A 163 -20.32 1.00 -24.26
C VAL A 163 -18.84 0.97 -24.54
N THR A 164 -18.45 1.31 -25.76
CA THR A 164 -17.06 1.29 -26.14
C THR A 164 -16.25 2.47 -25.58
N SER A 165 -16.94 3.38 -24.91
CA SER A 165 -16.28 4.54 -24.33
C SER A 165 -17.08 5.16 -23.20
N ARG A 166 -16.41 5.37 -22.07
CA ARG A 166 -17.00 5.95 -20.85
C ARG A 166 -17.65 7.31 -21.05
N LYS A 167 -17.23 8.02 -22.09
CA LYS A 167 -17.77 9.34 -22.37
C LYS A 167 -19.21 9.29 -22.84
N CYS A 168 -19.64 8.14 -23.33
CA CYS A 168 -21.00 7.99 -23.87
C CYS A 168 -22.15 8.00 -22.86
N TYR A 169 -22.26 9.14 -22.19
CA TYR A 169 -23.28 9.43 -21.18
C TYR A 169 -24.71 9.32 -21.65
N GLY A 170 -25.01 10.02 -22.73
CA GLY A 170 -26.36 10.01 -23.28
C GLY A 170 -26.39 9.95 -24.81
N PRO A 171 -27.56 10.16 -25.41
CA PRO A 171 -27.76 10.10 -26.87
C PRO A 171 -26.75 10.80 -27.74
N SER A 172 -26.66 12.12 -27.59
CA SER A 172 -25.74 12.91 -28.40
C SER A 172 -24.33 12.36 -28.34
N ALA A 173 -23.72 12.42 -27.16
CA ALA A 173 -22.36 11.93 -26.97
C ALA A 173 -22.22 10.51 -27.49
N THR A 174 -23.18 9.65 -27.15
CA THR A 174 -23.14 8.28 -27.60
C THR A 174 -23.18 8.19 -29.12
N SER A 175 -24.04 8.99 -29.73
CA SER A 175 -24.16 8.97 -31.18
C SER A 175 -22.88 9.41 -31.89
N GLU A 176 -22.15 10.36 -31.32
CA GLU A 176 -20.93 10.81 -31.98
C GLU A 176 -19.68 10.06 -31.53
N LYS A 177 -19.70 9.48 -30.33
CA LYS A 177 -18.53 8.77 -29.84
C LYS A 177 -18.68 7.26 -29.69
N CYS A 178 -19.92 6.78 -29.66
CA CYS A 178 -20.16 5.33 -29.56
C CYS A 178 -21.22 4.94 -30.59
N PRO A 179 -20.97 5.26 -31.87
CA PRO A 179 -21.90 4.93 -32.97
C PRO A 179 -22.53 3.55 -32.85
N GLY A 180 -21.70 2.54 -32.61
CA GLY A 180 -22.19 1.18 -32.50
C GLY A 180 -23.17 0.97 -31.38
N ASN A 181 -23.02 1.74 -30.30
CA ASN A 181 -23.90 1.60 -29.16
C ASN A 181 -25.13 2.51 -29.27
N ALA A 182 -25.04 3.52 -30.14
CA ALA A 182 -26.14 4.46 -30.35
C ALA A 182 -27.44 3.72 -30.66
N LEU A 183 -28.49 4.07 -29.95
CA LEU A 183 -29.80 3.45 -30.11
C LEU A 183 -30.31 3.45 -31.55
N GLU A 184 -30.29 4.63 -32.17
CA GLU A 184 -30.73 4.77 -33.54
C GLU A 184 -29.94 3.86 -34.47
N LYS A 185 -28.90 3.22 -33.96
CA LYS A 185 -28.08 2.31 -34.78
C LYS A 185 -28.25 0.83 -34.45
N GLY A 186 -29.20 0.53 -33.58
CA GLY A 186 -29.45 -0.86 -33.23
C GLY A 186 -28.59 -1.33 -32.09
N GLY A 187 -28.10 -0.37 -31.31
CA GLY A 187 -27.28 -0.70 -30.16
C GLY A 187 -28.15 -0.63 -28.93
N LYS A 188 -27.57 -0.95 -27.78
CA LYS A 188 -28.33 -0.91 -26.53
C LYS A 188 -28.48 0.51 -25.99
N GLY A 189 -27.81 1.46 -26.63
CA GLY A 189 -27.95 2.84 -26.22
C GLY A 189 -26.84 3.48 -25.41
N SER A 190 -27.15 4.66 -24.88
CA SER A 190 -26.22 5.43 -24.07
C SER A 190 -26.15 4.84 -22.67
N ILE A 191 -25.18 5.31 -21.89
CA ILE A 191 -25.00 4.85 -20.52
C ILE A 191 -26.27 5.00 -19.69
N THR A 192 -26.89 6.18 -19.74
CA THR A 192 -28.10 6.42 -18.97
C THR A 192 -29.26 5.55 -19.48
N GLU A 193 -29.39 5.46 -20.80
CA GLU A 193 -30.44 4.64 -21.38
C GLU A 193 -30.26 3.20 -20.91
N GLN A 194 -29.04 2.69 -20.99
CA GLN A 194 -28.80 1.32 -20.55
C GLN A 194 -29.01 1.19 -19.04
N LEU A 195 -28.62 2.23 -18.30
CA LEU A 195 -28.78 2.21 -16.84
C LEU A 195 -30.25 1.99 -16.56
N LEU A 196 -31.09 2.67 -17.34
CA LEU A 196 -32.53 2.54 -17.18
C LEU A 196 -33.06 1.17 -17.61
N ASN A 197 -32.41 0.53 -18.58
CA ASN A 197 -32.83 -0.80 -19.00
C ASN A 197 -32.45 -1.78 -17.88
N ALA A 198 -31.29 -1.57 -17.27
CA ALA A 198 -30.78 -2.43 -16.19
C ALA A 198 -31.75 -2.57 -15.02
N ARG A 199 -32.42 -1.47 -14.71
CA ARG A 199 -33.43 -1.44 -13.67
C ARG A 199 -33.04 -2.07 -12.35
N ALA A 200 -32.04 -1.49 -11.69
CA ALA A 200 -31.62 -1.99 -10.39
C ALA A 200 -32.71 -1.58 -9.44
N ASP A 201 -32.82 -2.23 -8.29
CA ASP A 201 -33.86 -1.86 -7.35
C ASP A 201 -33.61 -0.48 -6.75
N VAL A 202 -32.34 -0.16 -6.50
CA VAL A 202 -31.95 1.12 -5.92
C VAL A 202 -30.77 1.77 -6.63
N THR A 203 -30.95 3.01 -7.09
CA THR A 203 -29.87 3.73 -7.74
C THR A 203 -29.86 5.14 -7.14
N LEU A 204 -28.82 5.45 -6.38
CA LEU A 204 -28.71 6.76 -5.73
C LEU A 204 -27.40 7.46 -6.07
N GLY A 205 -27.47 8.68 -6.60
CA GLY A 205 -26.26 9.39 -6.94
C GLY A 205 -26.51 10.77 -7.54
N GLY A 206 -25.53 11.25 -8.31
CA GLY A 206 -25.65 12.55 -8.96
C GLY A 206 -25.74 12.39 -10.47
N GLY A 207 -25.70 13.51 -11.19
CA GLY A 207 -25.78 13.44 -12.63
C GLY A 207 -27.18 13.58 -13.21
N ALA A 208 -27.98 14.46 -12.63
CA ALA A 208 -29.34 14.68 -13.13
C ALA A 208 -29.27 15.38 -14.48
N LYS A 209 -28.12 16.00 -14.75
CA LYS A 209 -27.93 16.73 -15.99
C LYS A 209 -28.29 15.90 -17.21
N THR A 210 -27.67 14.74 -17.36
CA THR A 210 -27.91 13.88 -18.51
C THR A 210 -29.36 13.42 -18.70
N PHE A 211 -30.06 13.16 -17.60
CA PHE A 211 -31.45 12.71 -17.70
C PHE A 211 -32.36 13.77 -18.31
N ALA A 212 -31.82 14.97 -18.52
CA ALA A 212 -32.59 16.07 -19.10
C ALA A 212 -32.53 16.00 -20.62
N GLU A 213 -31.76 15.03 -21.12
CA GLU A 213 -31.60 14.81 -22.55
C GLU A 213 -32.77 14.01 -23.09
N THR A 214 -33.12 14.23 -24.35
CA THR A 214 -34.21 13.49 -24.97
C THR A 214 -33.65 12.42 -25.89
N ALA A 215 -34.32 11.28 -25.95
CA ALA A 215 -33.87 10.18 -26.80
C ALA A 215 -33.98 10.53 -28.28
N THR A 216 -33.11 9.93 -29.09
CA THR A 216 -33.09 10.18 -30.53
C THR A 216 -33.88 9.10 -31.28
N ALA A 217 -34.15 7.99 -30.61
CA ALA A 217 -34.90 6.89 -31.20
C ALA A 217 -35.50 6.08 -30.08
N GLY A 218 -36.12 4.95 -30.43
CA GLY A 218 -36.71 4.10 -29.41
C GLY A 218 -38.15 4.45 -29.13
N GLU A 219 -38.84 3.61 -28.37
CA GLU A 219 -40.22 3.84 -28.05
C GLU A 219 -40.41 5.01 -27.09
N TRP A 220 -39.30 5.58 -26.63
CA TRP A 220 -39.36 6.72 -25.72
C TRP A 220 -38.74 7.93 -26.39
N GLN A 221 -38.74 7.92 -27.71
CA GLN A 221 -38.17 9.02 -28.46
C GLN A 221 -38.93 10.31 -28.14
N GLY A 222 -38.22 11.43 -28.19
CA GLY A 222 -38.85 12.71 -27.94
C GLY A 222 -38.97 13.15 -26.50
N LYS A 223 -38.94 12.22 -25.55
CA LYS A 223 -39.02 12.64 -24.16
C LYS A 223 -37.70 12.52 -23.44
N THR A 224 -37.56 13.30 -22.38
CA THR A 224 -36.34 13.31 -21.60
C THR A 224 -36.14 11.94 -20.97
N LEU A 225 -34.90 11.61 -20.65
CA LEU A 225 -34.62 10.35 -20.03
C LEU A 225 -35.29 10.35 -18.66
N ARG A 226 -35.37 11.53 -18.04
CA ARG A 226 -36.03 11.64 -16.74
C ARG A 226 -37.48 11.22 -16.92
N GLU A 227 -38.11 11.74 -17.97
CA GLU A 227 -39.49 11.40 -18.28
C GLU A 227 -39.59 9.90 -18.58
N GLN A 228 -38.66 9.39 -19.37
CA GLN A 228 -38.65 7.98 -19.71
C GLN A 228 -38.65 7.17 -18.41
N ALA A 229 -37.86 7.64 -17.44
CA ALA A 229 -37.78 6.98 -16.14
C ALA A 229 -39.14 6.94 -15.43
N GLN A 230 -39.85 8.06 -15.42
CA GLN A 230 -41.16 8.13 -14.79
C GLN A 230 -42.14 7.23 -15.52
N ALA A 231 -42.04 7.20 -16.85
CA ALA A 231 -42.93 6.37 -17.66
C ALA A 231 -42.71 4.88 -17.43
N ARG A 232 -41.47 4.50 -17.10
CA ARG A 232 -41.12 3.10 -16.89
C ARG A 232 -41.33 2.59 -15.46
N GLY A 233 -41.94 3.41 -14.61
CA GLY A 233 -42.22 2.98 -13.26
C GLY A 233 -41.28 3.33 -12.13
N TYR A 234 -40.19 4.05 -12.42
CA TYR A 234 -39.24 4.40 -11.36
C TYR A 234 -39.80 5.39 -10.34
N GLN A 235 -39.29 5.30 -9.12
CA GLN A 235 -39.67 6.23 -8.07
C GLN A 235 -38.64 7.34 -8.14
N LEU A 236 -39.05 8.53 -8.58
CA LEU A 236 -38.09 9.61 -8.67
C LEU A 236 -38.00 10.44 -7.39
N VAL A 237 -36.81 10.46 -6.80
CA VAL A 237 -36.52 11.19 -5.57
C VAL A 237 -35.36 12.16 -5.84
N SER A 238 -35.43 13.38 -5.29
CA SER A 238 -34.37 14.36 -5.54
C SER A 238 -33.75 15.07 -4.31
N ASP A 239 -34.06 14.59 -3.11
CA ASP A 239 -33.50 15.18 -1.90
C ASP A 239 -33.70 14.27 -0.70
N ALA A 240 -33.03 14.61 0.41
CA ALA A 240 -33.09 13.84 1.64
C ALA A 240 -34.50 13.48 2.12
N ALA A 241 -35.41 14.44 2.07
CA ALA A 241 -36.79 14.21 2.50
C ALA A 241 -37.51 13.21 1.62
N SER A 242 -37.45 13.42 0.30
CA SER A 242 -38.08 12.54 -0.69
C SER A 242 -37.59 11.11 -0.53
N LEU A 243 -36.28 10.96 -0.35
CA LEU A 243 -35.67 9.66 -0.18
C LEU A 243 -36.09 8.99 1.12
N ASN A 244 -36.20 9.76 2.20
CA ASN A 244 -36.58 9.15 3.46
C ASN A 244 -38.03 8.68 3.46
N SER A 245 -38.85 9.29 2.60
CA SER A 245 -40.25 8.90 2.50
C SER A 245 -40.47 7.55 1.82
N VAL A 246 -39.43 7.02 1.19
CA VAL A 246 -39.52 5.74 0.49
C VAL A 246 -39.66 4.56 1.46
N THR A 247 -40.63 3.68 1.17
CA THR A 247 -40.90 2.53 2.02
C THR A 247 -40.53 1.20 1.37
N GLU A 248 -40.49 1.19 0.04
CA GLU A 248 -40.15 -0.03 -0.67
C GLU A 248 -39.42 0.30 -1.96
N ALA A 249 -38.66 -0.67 -2.44
CA ALA A 249 -37.91 -0.53 -3.69
C ALA A 249 -37.79 -1.93 -4.26
N ASN A 250 -38.25 -2.10 -5.48
CA ASN A 250 -38.20 -3.40 -6.12
C ASN A 250 -38.46 -3.24 -7.61
N GLN A 251 -38.53 -4.35 -8.33
CA GLN A 251 -38.74 -4.30 -9.77
C GLN A 251 -40.03 -3.63 -10.21
N GLN A 252 -41.11 -3.81 -9.45
CA GLN A 252 -42.38 -3.17 -9.79
C GLN A 252 -42.30 -1.66 -9.51
N LYS A 253 -41.62 -1.30 -8.42
CA LYS A 253 -41.44 0.10 -8.04
C LYS A 253 -39.95 0.39 -7.77
N PRO A 254 -39.11 0.37 -8.82
CA PRO A 254 -37.68 0.63 -8.62
C PRO A 254 -37.39 2.09 -8.29
N LEU A 255 -36.38 2.31 -7.44
CA LEU A 255 -36.00 3.65 -6.99
C LEU A 255 -34.84 4.30 -7.76
N LEU A 256 -34.99 5.57 -8.11
CA LEU A 256 -33.93 6.30 -8.82
C LEU A 256 -33.76 7.68 -8.18
N GLY A 257 -32.71 7.83 -7.38
CA GLY A 257 -32.45 9.10 -6.71
C GLY A 257 -31.40 9.97 -7.39
N LEU A 258 -31.83 11.11 -7.90
CA LEU A 258 -30.94 12.06 -8.56
C LEU A 258 -30.89 13.24 -7.59
N PHE A 259 -29.75 13.39 -6.91
CA PHE A 259 -29.60 14.43 -5.89
C PHE A 259 -28.76 15.64 -6.28
N ALA A 260 -28.13 15.62 -7.44
CA ALA A 260 -27.31 16.74 -7.87
C ALA A 260 -27.27 16.74 -9.38
N ASP A 261 -26.94 17.87 -9.96
CA ASP A 261 -26.90 17.98 -11.41
C ASP A 261 -25.73 17.18 -11.94
N GLY A 262 -24.61 17.29 -11.25
CA GLY A 262 -23.41 16.57 -11.61
C GLY A 262 -23.07 15.73 -10.40
N ASN A 263 -21.87 15.89 -9.87
CA ASN A 263 -21.44 15.14 -8.70
C ASN A 263 -22.12 15.72 -7.46
N MET A 264 -22.36 14.88 -6.46
CA MET A 264 -22.96 15.35 -5.24
C MET A 264 -21.91 16.24 -4.56
N PRO A 265 -22.35 17.17 -3.69
CA PRO A 265 -21.47 18.11 -2.98
C PRO A 265 -20.39 17.53 -2.04
N VAL A 266 -19.18 18.06 -2.12
CA VAL A 266 -18.08 17.59 -1.28
C VAL A 266 -18.29 18.01 0.17
N ARG A 267 -17.87 17.14 1.09
CA ARG A 267 -18.02 17.40 2.52
C ARG A 267 -17.23 18.61 3.02
N TRP A 268 -15.96 18.70 2.64
CA TRP A 268 -15.11 19.79 3.10
C TRP A 268 -14.51 20.68 2.00
N LEU A 269 -14.35 21.97 2.33
CA LEU A 269 -13.77 22.92 1.39
C LEU A 269 -12.37 23.34 1.86
N GLY A 270 -11.54 23.68 0.91
CA GLY A 270 -10.19 24.12 1.21
C GLY A 270 -9.65 24.61 -0.12
N PRO A 271 -8.50 25.29 -0.15
CA PRO A 271 -7.99 25.75 -1.44
C PRO A 271 -7.24 24.66 -2.19
N LYS A 272 -7.04 24.87 -3.49
CA LYS A 272 -6.32 23.91 -4.31
C LYS A 272 -4.86 23.96 -3.92
N ALA A 273 -4.14 22.86 -4.12
CA ALA A 273 -2.72 22.84 -3.79
C ALA A 273 -2.02 23.63 -4.88
N THR A 274 -0.97 24.33 -4.49
CA THR A 274 -0.20 25.14 -5.43
C THR A 274 1.30 24.83 -5.31
N TYR A 275 2.09 25.32 -6.27
CA TYR A 275 3.54 25.11 -6.26
C TYR A 275 4.17 25.81 -5.07
N HIS A 276 4.82 25.05 -4.20
CA HIS A 276 5.47 25.62 -3.02
C HIS A 276 4.44 26.13 -2.02
N GLY A 277 3.22 25.63 -2.11
CA GLY A 277 2.19 26.06 -1.19
C GLY A 277 2.44 25.73 0.27
N ASN A 278 3.39 24.84 0.55
CA ASN A 278 3.67 24.45 1.93
C ASN A 278 4.45 25.53 2.67
N ILE A 279 5.11 26.41 1.92
CA ILE A 279 5.84 27.50 2.54
C ILE A 279 5.17 28.80 2.08
N ASP A 280 4.90 28.85 0.78
CA ASP A 280 4.26 29.99 0.13
C ASP A 280 2.99 30.39 0.87
N LYS A 281 2.09 29.43 1.05
CA LYS A 281 0.84 29.70 1.73
C LYS A 281 0.90 29.26 3.20
N PRO A 282 -0.17 29.54 3.97
CA PRO A 282 -0.23 29.17 5.38
C PRO A 282 -0.88 27.82 5.61
N ALA A 283 -0.67 27.24 6.78
CA ALA A 283 -1.26 25.93 7.10
C ALA A 283 -2.77 26.04 6.97
N VAL A 284 -3.37 25.06 6.30
CA VAL A 284 -4.81 25.05 6.05
C VAL A 284 -5.60 24.12 6.98
N THR A 285 -6.82 24.55 7.31
CA THR A 285 -7.74 23.78 8.13
C THR A 285 -9.04 23.76 7.32
N CYS A 286 -9.53 22.59 6.97
CA CYS A 286 -10.74 22.48 6.19
C CYS A 286 -11.95 23.14 6.86
N THR A 287 -12.96 23.47 6.06
CA THR A 287 -14.16 24.11 6.59
C THR A 287 -15.37 23.37 6.02
N PRO A 288 -16.47 23.32 6.78
CA PRO A 288 -17.68 22.62 6.30
C PRO A 288 -18.21 23.27 5.03
N ASN A 289 -18.55 22.45 4.03
CA ASN A 289 -19.09 22.98 2.78
C ASN A 289 -20.55 23.33 2.99
N PRO A 290 -20.88 24.63 2.95
CA PRO A 290 -22.24 25.13 3.14
C PRO A 290 -23.28 24.51 2.21
N GLN A 291 -22.85 24.02 1.06
CA GLN A 291 -23.77 23.41 0.12
C GLN A 291 -24.21 22.03 0.60
N ARG A 292 -23.67 21.59 1.72
CA ARG A 292 -24.02 20.28 2.27
C ARG A 292 -24.98 20.45 3.45
N ASN A 293 -26.25 20.16 3.22
CA ASN A 293 -27.26 20.28 4.27
C ASN A 293 -28.09 19.03 4.47
N ASP A 294 -29.10 19.13 5.32
CA ASP A 294 -29.99 18.01 5.62
C ASP A 294 -30.99 17.71 4.51
N SER A 295 -30.91 18.45 3.41
CA SER A 295 -31.81 18.20 2.28
C SER A 295 -31.07 17.36 1.23
N VAL A 296 -29.77 17.18 1.46
CA VAL A 296 -28.92 16.39 0.58
C VAL A 296 -28.38 15.20 1.37
N PRO A 297 -28.81 13.97 1.02
CA PRO A 297 -28.33 12.80 1.75
C PRO A 297 -26.83 12.59 1.63
N THR A 298 -26.23 12.11 2.70
CA THR A 298 -24.80 11.84 2.72
C THR A 298 -24.56 10.44 2.18
N LEU A 299 -23.32 10.17 1.77
CA LEU A 299 -22.97 8.87 1.26
C LEU A 299 -23.43 7.83 2.27
N ALA A 300 -23.33 8.19 3.54
CA ALA A 300 -23.71 7.29 4.63
C ALA A 300 -25.21 7.01 4.69
N GLN A 301 -26.02 8.05 4.53
CA GLN A 301 -27.46 7.87 4.58
C GLN A 301 -27.97 7.08 3.38
N MET A 302 -27.42 7.36 2.21
CA MET A 302 -27.83 6.65 1.00
C MET A 302 -27.50 5.18 1.20
N THR A 303 -26.33 4.90 1.77
CA THR A 303 -25.92 3.53 2.02
C THR A 303 -26.94 2.91 2.98
N ASP A 304 -27.16 3.61 4.09
CA ASP A 304 -28.08 3.18 5.12
C ASP A 304 -29.48 2.87 4.56
N LYS A 305 -30.05 3.80 3.81
CA LYS A 305 -31.37 3.59 3.22
C LYS A 305 -31.35 2.45 2.20
N ALA A 306 -30.27 2.35 1.42
CA ALA A 306 -30.16 1.29 0.42
C ALA A 306 -30.21 -0.08 1.07
N ILE A 307 -29.48 -0.22 2.17
CA ILE A 307 -29.44 -1.49 2.89
C ILE A 307 -30.82 -1.83 3.41
N GLU A 308 -31.52 -0.84 3.95
CA GLU A 308 -32.87 -1.01 4.48
C GLU A 308 -33.82 -1.59 3.44
N LEU A 309 -33.84 -0.95 2.26
CA LEU A 309 -34.72 -1.36 1.18
C LEU A 309 -34.35 -2.69 0.51
N LEU A 310 -33.04 -2.95 0.36
CA LEU A 310 -32.60 -4.18 -0.28
C LEU A 310 -32.63 -5.35 0.68
N SER A 311 -32.60 -5.07 1.98
CA SER A 311 -32.60 -6.11 2.99
C SER A 311 -33.95 -6.82 3.10
N LYS A 312 -34.97 -6.28 2.44
CA LYS A 312 -36.30 -6.88 2.46
C LYS A 312 -36.33 -8.16 1.64
N ASN A 313 -35.63 -8.15 0.50
CA ASN A 313 -35.58 -9.32 -0.37
C ASN A 313 -34.97 -10.50 0.39
N GLU A 314 -35.77 -11.52 0.68
CA GLU A 314 -35.31 -12.68 1.41
C GLU A 314 -34.16 -13.45 0.74
N LYS A 315 -34.07 -13.35 -0.58
CA LYS A 315 -33.01 -14.05 -1.30
C LYS A 315 -31.63 -13.46 -1.03
N GLY A 316 -31.59 -12.15 -0.75
CA GLY A 316 -30.31 -11.50 -0.49
C GLY A 316 -30.08 -10.39 -1.50
N PHE A 317 -29.08 -9.54 -1.27
CA PHE A 317 -28.85 -8.45 -2.21
C PHE A 317 -27.40 -8.13 -2.49
N PHE A 318 -27.18 -7.43 -3.60
CA PHE A 318 -25.86 -6.99 -3.97
C PHE A 318 -25.92 -5.48 -3.94
N LEU A 319 -24.96 -4.86 -3.28
CA LEU A 319 -24.94 -3.42 -3.19
C LEU A 319 -23.55 -2.84 -3.42
N GLN A 320 -23.47 -1.78 -4.22
CA GLN A 320 -22.19 -1.12 -4.48
C GLN A 320 -22.29 0.36 -4.12
N VAL A 321 -21.35 0.81 -3.30
CA VAL A 321 -21.31 2.19 -2.84
C VAL A 321 -19.97 2.83 -3.17
N GLU A 322 -20.02 3.93 -3.91
CA GLU A 322 -18.80 4.66 -4.29
C GLU A 322 -18.77 6.05 -3.72
N GLY A 323 -17.68 6.37 -3.04
CA GLY A 323 -17.53 7.69 -2.48
C GLY A 323 -16.57 8.39 -3.43
N ALA A 324 -17.12 9.21 -4.32
CA ALA A 324 -16.29 9.96 -5.28
C ALA A 324 -17.01 11.24 -5.67
N SER A 325 -17.37 12.04 -4.66
CA SER A 325 -18.06 13.29 -4.90
C SER A 325 -17.09 14.27 -5.52
N ILE A 326 -15.80 13.92 -5.53
CA ILE A 326 -14.82 14.81 -6.11
C ILE A 326 -15.02 14.83 -7.62
N ASP A 327 -14.36 15.79 -8.26
CA ASP A 327 -14.61 16.06 -9.68
C ASP A 327 -13.34 15.86 -10.50
N LYS A 328 -13.21 16.63 -11.59
CA LYS A 328 -11.98 17.34 -11.87
C LYS A 328 -12.22 18.85 -11.93
N GLN A 329 -11.21 19.60 -12.38
CA GLN A 329 -10.38 20.39 -11.49
C GLN A 329 -11.08 21.69 -11.10
N ASP A 330 -12.06 21.58 -10.20
CA ASP A 330 -12.29 22.59 -9.19
C ASP A 330 -11.99 22.07 -7.79
N HIS A 331 -12.68 21.00 -7.41
CA HIS A 331 -12.22 20.15 -6.31
C HIS A 331 -10.75 19.76 -6.49
N ALA A 332 -10.44 19.11 -7.60
CA ALA A 332 -9.05 18.91 -8.01
C ALA A 332 -7.91 18.47 -7.10
N ALA A 333 -6.83 19.27 -7.17
CA ALA A 333 -5.62 19.09 -6.38
C ALA A 333 -5.97 19.67 -5.03
N ASN A 334 -7.14 19.28 -4.54
CA ASN A 334 -7.69 19.79 -3.28
C ASN A 334 -7.63 18.83 -2.12
N PRO A 335 -6.61 18.97 -1.26
CA PRO A 335 -6.48 18.10 -0.10
C PRO A 335 -7.76 17.89 0.71
N CYS A 336 -8.40 18.99 1.14
CA CYS A 336 -9.62 18.91 1.93
C CYS A 336 -10.77 18.14 1.28
N GLY A 337 -10.99 18.37 0.00
CA GLY A 337 -12.06 17.66 -0.69
C GLY A 337 -11.75 16.18 -0.66
N GLN A 338 -10.47 15.87 -0.82
CA GLN A 338 -10.00 14.49 -0.84
C GLN A 338 -10.17 13.80 0.51
N ILE A 339 -9.77 14.46 1.60
CA ILE A 339 -9.86 13.88 2.93
C ILE A 339 -11.31 13.74 3.38
N GLY A 340 -12.10 14.78 3.14
CA GLY A 340 -13.49 14.75 3.51
C GLY A 340 -14.18 13.55 2.89
N GLU A 341 -13.76 13.20 1.66
CA GLU A 341 -14.35 12.05 0.99
C GLU A 341 -14.01 10.76 1.74
N THR A 342 -12.74 10.62 2.10
CA THR A 342 -12.35 9.44 2.85
C THR A 342 -13.20 9.38 4.11
N VAL A 343 -13.44 10.55 4.71
CA VAL A 343 -14.26 10.64 5.91
C VAL A 343 -15.69 10.21 5.60
N ASP A 344 -16.26 10.73 4.50
CA ASP A 344 -17.64 10.34 4.12
C ASP A 344 -17.66 8.82 3.99
N LEU A 345 -16.63 8.30 3.33
CA LEU A 345 -16.48 6.87 3.10
C LEU A 345 -16.50 6.06 4.40
N ASP A 346 -15.69 6.48 5.36
CA ASP A 346 -15.63 5.75 6.62
C ASP A 346 -17.01 5.62 7.28
N GLU A 347 -17.84 6.64 7.16
CA GLU A 347 -19.17 6.57 7.76
C GLU A 347 -20.00 5.50 7.05
N ALA A 348 -20.01 5.54 5.73
CA ALA A 348 -20.73 4.58 4.93
C ALA A 348 -20.22 3.16 5.19
N VAL A 349 -18.92 3.02 5.40
CA VAL A 349 -18.37 1.71 5.68
C VAL A 349 -18.86 1.24 7.05
N GLN A 350 -18.93 2.17 7.99
CA GLN A 350 -19.40 1.81 9.32
C GLN A 350 -20.82 1.26 9.23
N ARG A 351 -21.71 1.99 8.56
CA ARG A 351 -23.09 1.52 8.42
C ARG A 351 -23.02 0.12 7.83
N ALA A 352 -22.31 -0.04 6.73
CA ALA A 352 -22.18 -1.35 6.10
C ALA A 352 -21.69 -2.42 7.08
N LEU A 353 -20.69 -2.10 7.90
CA LEU A 353 -20.17 -3.05 8.87
C LEU A 353 -21.12 -3.26 10.06
N GLU A 354 -21.75 -2.19 10.53
CA GLU A 354 -22.67 -2.34 11.65
C GLU A 354 -23.77 -3.30 11.22
N PHE A 355 -24.18 -3.20 9.96
CA PHE A 355 -25.23 -4.06 9.43
C PHE A 355 -24.79 -5.51 9.26
N ALA A 356 -23.68 -5.71 8.54
CA ALA A 356 -23.15 -7.04 8.29
C ALA A 356 -22.75 -7.78 9.57
N LYS A 357 -22.47 -7.03 10.62
CA LYS A 357 -22.05 -7.61 11.90
C LYS A 357 -23.22 -8.33 12.56
N LYS A 358 -24.41 -7.75 12.49
CA LYS A 358 -25.58 -8.36 13.12
C LYS A 358 -26.40 -9.29 12.23
N GLU A 359 -26.07 -9.34 10.94
CA GLU A 359 -26.78 -10.23 10.02
C GLU A 359 -25.97 -11.52 9.88
N GLY A 360 -24.64 -11.38 9.90
CA GLY A 360 -23.75 -12.53 9.82
C GLY A 360 -23.60 -13.29 8.53
N ASN A 361 -24.22 -12.81 7.46
CA ASN A 361 -24.10 -13.50 6.18
C ASN A 361 -23.78 -12.49 5.10
N THR A 362 -23.18 -11.37 5.50
CA THR A 362 -22.84 -10.31 4.56
C THR A 362 -21.35 -10.07 4.41
N LEU A 363 -20.89 -10.12 3.16
CA LEU A 363 -19.49 -9.88 2.84
C LEU A 363 -19.30 -8.39 2.51
N VAL A 364 -18.52 -7.69 3.32
CA VAL A 364 -18.24 -6.30 3.08
C VAL A 364 -16.84 -6.21 2.49
N ILE A 365 -16.71 -5.52 1.36
CA ILE A 365 -15.41 -5.38 0.70
C ILE A 365 -15.12 -3.91 0.48
N VAL A 366 -13.96 -3.45 0.93
CA VAL A 366 -13.60 -2.05 0.72
C VAL A 366 -12.37 -1.96 -0.17
N THR A 367 -12.45 -1.12 -1.19
CA THR A 367 -11.31 -0.94 -2.07
C THR A 367 -11.21 0.45 -2.64
N ALA A 368 -10.13 0.68 -3.39
CA ALA A 368 -9.75 2.03 -3.78
C ALA A 368 -9.48 2.12 -5.28
N ASP A 369 -10.56 2.23 -6.05
CA ASP A 369 -10.48 2.78 -7.40
C ASP A 369 -9.33 2.15 -8.18
N HIS A 370 -8.60 2.99 -8.91
CA HIS A 370 -7.18 2.75 -9.18
C HIS A 370 -6.30 3.71 -8.41
N ALA A 371 -5.00 3.67 -8.70
CA ALA A 371 -4.03 4.48 -7.96
C ALA A 371 -3.89 5.92 -8.45
N HIS A 372 -3.56 6.82 -7.52
CA HIS A 372 -3.36 8.24 -7.82
C HIS A 372 -1.99 8.72 -7.30
N ALA A 373 -1.65 9.99 -7.53
CA ALA A 373 -0.35 10.53 -7.13
C ALA A 373 -0.23 11.24 -5.76
N SER A 374 -1.29 11.26 -4.96
CA SER A 374 -1.23 11.91 -3.64
C SER A 374 -0.11 11.33 -2.77
N GLN A 375 0.57 12.18 -2.01
CA GLN A 375 1.65 11.74 -1.12
C GLN A 375 1.77 12.61 0.11
N ILE A 376 2.26 12.04 1.19
CA ILE A 376 2.49 12.77 2.43
C ILE A 376 4.00 13.01 2.42
N VAL A 377 4.41 14.27 2.44
CA VAL A 377 5.84 14.57 2.41
C VAL A 377 6.31 15.37 3.59
N ALA A 378 7.63 15.51 3.69
CA ALA A 378 8.26 16.26 4.79
C ALA A 378 7.87 17.72 4.73
N PRO A 379 7.60 18.32 5.90
CA PRO A 379 7.21 19.73 6.02
C PRO A 379 8.36 20.70 6.12
N ASP A 380 9.22 20.67 5.13
CA ASP A 380 10.34 21.59 5.04
C ASP A 380 10.26 22.00 3.59
N THR A 381 11.21 22.81 3.13
CA THR A 381 11.22 23.30 1.76
C THR A 381 10.78 22.38 0.61
N LYS A 382 11.53 21.30 0.38
CA LYS A 382 11.32 20.45 -0.77
C LYS A 382 9.90 19.89 -0.80
N ALA A 383 9.23 20.05 -1.94
CA ALA A 383 7.85 19.61 -2.08
C ALA A 383 7.75 18.40 -3.01
N PRO A 384 8.17 18.58 -4.26
CA PRO A 384 7.61 19.63 -5.12
C PRO A 384 6.25 19.24 -5.68
N GLY A 385 5.97 19.67 -6.90
CA GLY A 385 4.63 19.60 -7.45
C GLY A 385 3.68 20.57 -6.77
N LEU A 386 2.40 20.21 -6.74
CA LEU A 386 1.41 20.98 -5.97
C LEU A 386 1.42 20.48 -4.53
N THR A 387 1.62 21.39 -3.58
CA THR A 387 1.64 21.02 -2.17
C THR A 387 0.77 21.91 -1.28
N GLN A 388 0.54 21.46 -0.04
CA GLN A 388 -0.26 22.23 0.90
C GLN A 388 -0.03 21.77 2.32
N ALA A 389 0.14 22.72 3.23
CA ALA A 389 0.34 22.40 4.64
C ALA A 389 -1.03 22.36 5.29
N LEU A 390 -1.25 21.39 6.15
CA LEU A 390 -2.53 21.25 6.82
C LEU A 390 -2.37 21.15 8.32
N ASN A 391 -3.33 21.72 9.04
CA ASN A 391 -3.31 21.65 10.49
C ASN A 391 -4.09 20.37 10.78
N THR A 392 -3.50 19.47 11.55
CA THR A 392 -4.16 18.20 11.87
C THR A 392 -4.79 18.15 13.26
N LYS A 393 -5.45 17.03 13.55
CA LYS A 393 -6.09 16.82 14.84
C LYS A 393 -5.03 16.82 15.94
N ASP A 394 -3.81 16.37 15.63
CA ASP A 394 -2.73 16.33 16.63
C ASP A 394 -2.20 17.71 16.96
N GLY A 395 -2.66 18.72 16.22
CA GLY A 395 -2.16 20.05 16.48
C GLY A 395 -0.77 20.14 15.89
N ALA A 396 -0.58 19.47 14.76
CA ALA A 396 0.70 19.47 14.05
C ALA A 396 0.36 19.61 12.57
N VAL A 397 1.26 20.19 11.79
CA VAL A 397 0.98 20.36 10.37
C VAL A 397 1.46 19.17 9.56
N MET A 398 0.68 18.82 8.54
CA MET A 398 1.02 17.72 7.64
C MET A 398 1.09 18.29 6.23
N VAL A 399 2.14 17.94 5.50
CA VAL A 399 2.29 18.45 4.15
C VAL A 399 1.93 17.37 3.14
N MET A 400 1.28 17.78 2.06
CA MET A 400 0.90 16.85 1.02
C MET A 400 1.27 17.40 -0.36
N SER A 401 1.70 16.51 -1.26
CA SER A 401 2.08 16.91 -2.61
C SER A 401 1.37 16.05 -3.63
N TYR A 402 1.03 16.65 -4.77
CA TYR A 402 0.32 15.93 -5.81
C TYR A 402 1.11 15.50 -7.04
N GLY A 403 2.07 16.32 -7.48
CA GLY A 403 2.88 15.90 -8.61
C GLY A 403 2.29 15.83 -10.01
N ASN A 404 1.09 16.34 -10.18
CA ASN A 404 0.50 16.40 -11.50
C ASN A 404 0.55 17.91 -11.68
N SER A 405 0.08 18.44 -12.79
CA SER A 405 0.16 19.87 -12.96
C SER A 405 -1.14 20.63 -12.77
N GLU A 406 -1.06 21.77 -12.09
CA GLU A 406 -2.23 22.62 -11.93
C GLU A 406 -2.54 22.91 -13.40
N GLU A 407 -3.81 23.02 -13.74
CA GLU A 407 -4.25 23.20 -15.13
C GLU A 407 -3.99 21.85 -15.77
N ASP A 408 -4.15 20.83 -14.93
CA ASP A 408 -4.04 19.43 -15.28
C ASP A 408 -4.51 18.65 -14.08
N SER A 409 -5.34 17.68 -14.38
CA SER A 409 -5.91 16.85 -13.35
C SER A 409 -4.94 15.81 -12.84
N GLN A 410 -5.09 15.43 -11.57
CA GLN A 410 -4.18 14.45 -10.99
C GLN A 410 -4.10 13.19 -11.83
N GLU A 411 -2.88 12.71 -12.02
CA GLU A 411 -2.64 11.53 -12.82
C GLU A 411 -2.88 10.23 -12.09
N HIS A 412 -2.99 9.18 -12.88
CA HIS A 412 -3.22 7.84 -12.38
C HIS A 412 -1.89 7.09 -12.37
N THR A 413 -1.78 6.09 -11.50
CA THR A 413 -0.57 5.32 -11.41
C THR A 413 -0.90 3.83 -11.52
N GLY A 414 0.11 3.00 -11.80
CA GLY A 414 -0.12 1.58 -11.93
C GLY A 414 0.16 0.76 -10.67
N SER A 415 0.44 1.44 -9.56
CA SER A 415 0.74 0.81 -8.27
C SER A 415 -0.39 -0.06 -7.70
N GLN A 416 -0.07 -1.27 -7.28
CA GLN A 416 -1.11 -2.16 -6.72
C GLN A 416 -1.81 -1.42 -5.58
N LEU A 417 -3.08 -1.73 -5.37
CA LEU A 417 -3.87 -1.06 -4.33
C LEU A 417 -4.38 -1.95 -3.20
N ARG A 418 -4.78 -1.29 -2.11
CA ARG A 418 -5.29 -1.94 -0.92
C ARG A 418 -6.74 -2.38 -1.05
N ILE A 419 -7.04 -3.55 -0.52
CA ILE A 419 -8.40 -4.08 -0.52
C ILE A 419 -8.58 -4.80 0.81
N ALA A 420 -9.77 -4.69 1.38
CA ALA A 420 -10.04 -5.32 2.66
C ALA A 420 -11.46 -5.88 2.66
N ALA A 421 -11.69 -6.90 3.47
CA ALA A 421 -13.02 -7.49 3.53
C ALA A 421 -13.42 -7.95 4.92
N TYR A 422 -14.70 -8.31 5.05
CA TYR A 422 -15.25 -8.81 6.31
C TYR A 422 -16.42 -9.74 5.98
N GLY A 423 -16.54 -10.82 6.74
CA GLY A 423 -17.63 -11.74 6.49
C GLY A 423 -17.21 -12.94 5.69
N PRO A 424 -18.16 -13.81 5.32
CA PRO A 424 -17.84 -15.01 4.56
C PRO A 424 -17.07 -14.75 3.27
N HIS A 425 -16.03 -15.56 3.04
CA HIS A 425 -15.18 -15.46 1.85
C HIS A 425 -14.25 -14.27 1.85
N ALA A 426 -14.22 -13.53 2.95
CA ALA A 426 -13.36 -12.36 3.04
C ALA A 426 -11.92 -12.77 2.75
N ALA A 427 -11.55 -13.99 3.13
CA ALA A 427 -10.21 -14.49 2.93
C ALA A 427 -9.66 -14.29 1.53
N ASN A 428 -10.55 -14.40 0.55
CA ASN A 428 -10.16 -14.28 -0.85
C ASN A 428 -9.60 -12.96 -1.34
N VAL A 429 -9.38 -12.01 -0.44
CA VAL A 429 -8.83 -10.72 -0.85
C VAL A 429 -7.45 -10.55 -0.22
N VAL A 430 -7.14 -11.41 0.74
CA VAL A 430 -5.89 -11.39 1.47
C VAL A 430 -4.71 -11.72 0.57
N GLY A 431 -3.56 -11.13 0.86
CA GLY A 431 -2.40 -11.39 0.05
C GLY A 431 -2.54 -10.71 -1.30
N LEU A 432 -1.79 -11.19 -2.28
CA LEU A 432 -1.81 -10.62 -3.63
C LEU A 432 -2.86 -11.22 -4.55
N THR A 433 -3.71 -10.37 -5.12
CA THR A 433 -4.73 -10.84 -6.03
C THR A 433 -4.84 -9.86 -7.19
N ASP A 434 -5.68 -10.16 -8.17
CA ASP A 434 -5.87 -9.26 -9.31
C ASP A 434 -7.26 -8.65 -9.17
N GLN A 435 -7.43 -7.48 -9.76
CA GLN A 435 -8.70 -6.80 -9.70
C GLN A 435 -9.83 -7.69 -10.22
N THR A 436 -9.54 -8.48 -11.25
CA THR A 436 -10.57 -9.36 -11.80
C THR A 436 -10.94 -10.50 -10.86
N ASP A 437 -10.06 -10.83 -9.91
CA ASP A 437 -10.32 -11.88 -8.95
C ASP A 437 -11.51 -11.49 -8.08
N LEU A 438 -11.65 -10.19 -7.80
CA LEU A 438 -12.75 -9.70 -6.97
C LEU A 438 -14.09 -10.12 -7.54
N PHE A 439 -14.20 -10.13 -8.86
CA PHE A 439 -15.41 -10.53 -9.54
C PHE A 439 -15.73 -11.99 -9.22
N TYR A 440 -14.76 -12.87 -9.46
CA TYR A 440 -14.96 -14.28 -9.18
C TYR A 440 -15.18 -14.53 -7.70
N THR A 441 -14.66 -13.64 -6.87
CA THR A 441 -14.82 -13.78 -5.45
C THR A 441 -16.27 -13.48 -5.03
N MET A 442 -16.82 -12.39 -5.55
CA MET A 442 -18.21 -12.02 -5.22
C MET A 442 -19.17 -13.02 -5.86
N LYS A 443 -18.91 -13.34 -7.11
CA LYS A 443 -19.74 -14.29 -7.82
C LYS A 443 -19.82 -15.62 -7.06
N ALA A 444 -18.66 -16.10 -6.61
CA ALA A 444 -18.59 -17.35 -5.87
C ALA A 444 -19.24 -17.26 -4.49
N ALA A 445 -18.96 -16.17 -3.78
CA ALA A 445 -19.51 -15.98 -2.45
C ALA A 445 -21.02 -15.97 -2.45
N LEU A 446 -21.62 -15.37 -3.47
CA LEU A 446 -23.08 -15.30 -3.57
C LEU A 446 -23.68 -16.52 -4.26
N GLY A 447 -22.82 -17.39 -4.79
CA GLY A 447 -23.27 -18.59 -5.47
C GLY A 447 -23.88 -18.36 -6.84
N LEU A 448 -23.64 -17.19 -7.41
CA LEU A 448 -24.15 -16.83 -8.72
C LEU A 448 -23.66 -17.73 -9.85
N LYS A 449 -24.57 -18.13 -10.73
CA LYS A 449 -24.24 -19.01 -11.84
C LYS A 449 -24.00 -18.30 -13.17
N HIS A 450 -22.88 -18.65 -13.78
CA HIS A 450 -22.41 -18.13 -15.06
C HIS A 450 -23.53 -17.88 -16.08
N PRO B 2 -2.34 -28.72 7.68
CA PRO B 2 -1.54 -28.67 8.92
C PRO B 2 -0.40 -27.69 8.71
N GLU B 3 0.63 -28.20 8.02
CA GLU B 3 1.81 -27.44 7.67
C GLU B 3 1.38 -26.10 7.06
N MET B 4 2.11 -25.06 7.42
CA MET B 4 1.80 -23.74 6.92
C MET B 4 2.40 -23.57 5.53
N PRO B 5 1.55 -23.29 4.54
CA PRO B 5 1.96 -23.10 3.14
C PRO B 5 2.34 -21.66 2.77
N VAL B 6 3.07 -21.51 1.68
CA VAL B 6 3.42 -20.19 1.16
C VAL B 6 3.11 -20.07 -0.33
N LEU B 7 2.21 -19.16 -0.67
CA LEU B 7 1.59 -19.14 -1.99
C LEU B 7 2.56 -19.66 -3.05
N GLU B 8 2.17 -20.75 -3.71
CA GLU B 8 3.04 -21.38 -4.69
C GLU B 8 3.07 -20.60 -6.00
N ASN B 9 1.90 -20.17 -6.46
CA ASN B 9 1.79 -19.42 -7.70
C ASN B 9 0.55 -18.54 -7.83
N ARG B 10 0.77 -17.23 -7.91
CA ARG B 10 -0.30 -16.25 -8.05
C ARG B 10 -0.04 -15.36 -9.25
N ALA B 11 0.34 -15.98 -10.35
CA ALA B 11 0.58 -15.25 -11.59
C ALA B 11 -0.76 -15.30 -12.29
N ALA B 12 -0.98 -14.42 -13.27
CA ALA B 12 -2.22 -14.44 -14.04
C ALA B 12 -2.30 -15.89 -14.49
N GLN B 13 -3.39 -16.57 -14.15
CA GLN B 13 -3.55 -17.98 -14.45
C GLN B 13 -3.75 -18.37 -15.93
N GLY B 14 -4.16 -17.43 -16.78
CA GLY B 14 -4.37 -17.77 -18.19
C GLY B 14 -4.16 -16.65 -19.20
N ASP B 15 -5.10 -16.50 -20.12
CA ASP B 15 -5.04 -15.47 -21.17
C ASP B 15 -5.61 -14.18 -20.58
N ILE B 16 -4.77 -13.17 -20.36
CA ILE B 16 -5.23 -11.92 -19.77
C ILE B 16 -6.25 -11.18 -20.62
N THR B 17 -6.47 -11.68 -21.83
CA THR B 17 -7.43 -11.07 -22.76
C THR B 17 -8.80 -11.71 -22.62
N ALA B 18 -8.84 -12.88 -21.98
CA ALA B 18 -10.09 -13.60 -21.82
C ALA B 18 -10.68 -13.53 -20.41
N PRO B 19 -12.01 -13.68 -20.30
CA PRO B 19 -12.64 -13.63 -18.99
C PRO B 19 -11.92 -14.56 -18.03
N GLY B 20 -11.68 -14.12 -16.81
CA GLY B 20 -11.02 -14.95 -15.82
C GLY B 20 -9.59 -15.28 -16.18
N GLY B 21 -9.11 -14.77 -17.31
CA GLY B 21 -7.74 -15.05 -17.71
C GLY B 21 -6.67 -14.44 -16.83
N ALA B 22 -6.94 -13.27 -16.26
CA ALA B 22 -5.95 -12.59 -15.43
C ALA B 22 -6.04 -12.94 -13.95
N ARG B 23 -6.93 -13.84 -13.59
CA ARG B 23 -7.09 -14.25 -12.21
C ARG B 23 -5.79 -14.80 -11.63
N ARG B 24 -5.54 -14.53 -10.35
CA ARG B 24 -4.36 -15.04 -9.67
C ARG B 24 -4.80 -16.16 -8.73
N LEU B 25 -6.10 -16.27 -8.48
CA LEU B 25 -6.61 -17.31 -7.59
C LEU B 25 -7.31 -18.41 -8.37
N THR B 26 -6.94 -19.66 -8.13
CA THR B 26 -7.58 -20.77 -8.84
C THR B 26 -8.73 -21.34 -8.00
N GLY B 27 -8.94 -20.78 -6.82
CA GLY B 27 -10.02 -21.25 -5.97
C GLY B 27 -10.08 -20.57 -4.62
N ASP B 28 -11.07 -20.93 -3.83
CA ASP B 28 -11.26 -20.35 -2.50
C ASP B 28 -9.99 -20.42 -1.65
N GLN B 29 -9.78 -19.41 -0.82
CA GLN B 29 -8.59 -19.34 0.03
C GLN B 29 -8.83 -19.53 1.53
N THR B 30 -10.09 -19.60 1.97
CA THR B 30 -10.38 -19.77 3.40
C THR B 30 -9.51 -20.84 4.06
N ALA B 31 -9.57 -22.05 3.53
CA ALA B 31 -8.79 -23.16 4.07
C ALA B 31 -7.30 -22.80 4.16
N ALA B 32 -6.76 -22.21 3.09
CA ALA B 32 -5.37 -21.82 3.07
C ALA B 32 -5.04 -20.85 4.22
N LEU B 33 -5.90 -19.86 4.45
CA LEU B 33 -5.66 -18.90 5.53
C LEU B 33 -5.69 -19.55 6.90
N ARG B 34 -6.61 -20.49 7.12
CA ARG B 34 -6.69 -21.18 8.40
C ARG B 34 -5.35 -21.89 8.61
N ASP B 35 -4.94 -22.67 7.62
CA ASP B 35 -3.68 -23.40 7.69
C ASP B 35 -2.48 -22.47 7.91
N SER B 36 -2.65 -21.18 7.63
CA SER B 36 -1.56 -20.22 7.81
C SER B 36 -1.53 -19.64 9.22
N LEU B 37 -2.59 -19.88 10.00
CA LEU B 37 -2.66 -19.33 11.35
C LEU B 37 -2.26 -20.30 12.46
N SER B 38 -1.20 -19.94 13.19
CA SER B 38 -0.69 -20.73 14.30
C SER B 38 -0.17 -19.82 15.42
N ASP B 39 -0.56 -20.11 16.65
CA ASP B 39 -0.14 -19.34 17.81
C ASP B 39 0.98 -20.09 18.50
N LYS B 40 1.55 -21.07 17.80
CA LYS B 40 2.63 -21.87 18.33
C LYS B 40 3.88 -20.99 18.49
N PRO B 41 4.77 -21.33 19.44
CA PRO B 41 6.00 -20.58 19.69
C PRO B 41 6.96 -20.54 18.51
N ALA B 42 7.64 -19.41 18.35
CA ALA B 42 8.60 -19.25 17.27
C ALA B 42 10.02 -19.45 17.76
N LYS B 43 10.71 -20.43 17.18
CA LYS B 43 12.09 -20.68 17.56
C LYS B 43 12.99 -19.63 16.92
N ASN B 44 12.70 -19.25 15.68
CA ASN B 44 13.49 -18.23 14.98
C ASN B 44 12.66 -17.15 14.31
N ILE B 45 13.36 -16.10 13.88
CA ILE B 45 12.74 -14.98 13.19
C ILE B 45 13.71 -14.44 12.15
N ILE B 46 13.22 -14.21 10.94
CA ILE B 46 14.05 -13.63 9.89
C ILE B 46 13.27 -12.42 9.43
N LEU B 47 13.85 -11.23 9.61
CA LEU B 47 13.20 -9.99 9.22
C LEU B 47 13.87 -9.40 7.99
N LEU B 48 13.15 -9.43 6.86
CA LEU B 48 13.67 -8.89 5.60
C LEU B 48 13.09 -7.50 5.42
N ILE B 49 13.98 -6.52 5.23
CA ILE B 49 13.61 -5.14 5.03
C ILE B 49 14.14 -4.73 3.66
N GLY B 50 13.30 -4.12 2.84
CA GLY B 50 13.70 -3.68 1.51
C GLY B 50 13.51 -2.18 1.41
N ASP B 51 14.62 -1.45 1.37
CA ASP B 51 14.57 0.02 1.33
C ASP B 51 13.63 0.65 0.32
N GLY B 52 12.71 1.45 0.85
CA GLY B 52 11.72 2.13 0.03
C GLY B 52 10.84 1.21 -0.78
N MET B 53 10.89 -0.09 -0.52
CA MET B 53 10.09 -1.06 -1.26
C MET B 53 8.60 -1.08 -0.93
N GLY B 54 7.89 -0.01 -1.28
CA GLY B 54 6.46 0.03 -1.03
C GLY B 54 5.72 -0.61 -2.19
N ASP B 55 4.39 -0.63 -2.11
CA ASP B 55 3.57 -1.21 -3.17
C ASP B 55 3.99 -0.76 -4.58
N SER B 56 4.24 0.53 -4.78
CA SER B 56 4.63 1.04 -6.08
C SER B 56 5.92 0.37 -6.58
N GLU B 57 6.85 0.18 -5.66
CA GLU B 57 8.13 -0.45 -5.98
C GLU B 57 7.95 -1.91 -6.38
N ILE B 58 7.15 -2.64 -5.62
CA ILE B 58 6.90 -4.05 -5.89
C ILE B 58 6.22 -4.23 -7.24
N THR B 59 5.18 -3.42 -7.49
CA THR B 59 4.41 -3.48 -8.74
C THR B 59 5.30 -3.22 -9.95
N ALA B 60 6.13 -2.18 -9.84
CA ALA B 60 7.03 -1.82 -10.94
C ALA B 60 8.00 -2.95 -11.26
N ALA B 61 8.60 -3.54 -10.23
CA ALA B 61 9.56 -4.62 -10.43
C ALA B 61 8.89 -5.86 -10.99
N ARG B 62 7.66 -6.11 -10.58
CA ARG B 62 6.91 -7.27 -11.07
C ARG B 62 6.59 -7.04 -12.54
N ASN B 63 6.12 -5.83 -12.88
CA ASN B 63 5.79 -5.52 -14.27
C ASN B 63 7.02 -5.69 -15.15
N TYR B 64 8.15 -5.16 -14.70
CA TYR B 64 9.36 -5.25 -15.48
C TYR B 64 9.96 -6.65 -15.55
N ALA B 65 10.33 -7.21 -14.40
CA ALA B 65 10.97 -8.52 -14.37
C ALA B 65 10.06 -9.73 -14.55
N GLU B 66 8.80 -9.65 -14.11
CA GLU B 66 7.90 -10.80 -14.22
C GLU B 66 6.70 -10.63 -15.14
N GLY B 67 6.41 -9.38 -15.52
CA GLY B 67 5.25 -9.10 -16.35
C GLY B 67 4.14 -8.69 -15.40
N ALA B 68 3.20 -7.87 -15.85
CA ALA B 68 2.11 -7.43 -14.98
C ALA B 68 1.41 -8.63 -14.31
N GLY B 69 1.27 -9.72 -15.06
CA GLY B 69 0.62 -10.91 -14.52
C GLY B 69 1.59 -11.89 -13.91
N GLY B 70 2.83 -11.44 -13.69
CA GLY B 70 3.86 -12.29 -13.11
C GLY B 70 3.68 -12.60 -11.63
N PHE B 71 4.72 -13.16 -11.01
CA PHE B 71 4.63 -13.53 -9.61
C PHE B 71 5.99 -13.72 -8.93
N PHE B 72 6.22 -13.00 -7.83
CA PHE B 72 7.47 -13.14 -7.07
C PHE B 72 7.30 -14.32 -6.10
N LYS B 73 8.04 -15.40 -6.34
CA LYS B 73 7.95 -16.60 -5.51
C LYS B 73 8.43 -16.32 -4.08
N GLY B 74 8.83 -15.09 -3.84
CA GLY B 74 9.29 -14.69 -2.51
C GLY B 74 8.40 -13.60 -1.97
N ILE B 75 8.56 -12.39 -2.48
CA ILE B 75 7.81 -11.23 -2.05
C ILE B 75 6.27 -11.33 -2.10
N ASP B 76 5.71 -11.86 -3.19
CA ASP B 76 4.25 -11.99 -3.28
C ASP B 76 3.79 -13.31 -2.67
N ALA B 77 4.74 -14.10 -2.19
CA ALA B 77 4.42 -15.43 -1.66
C ALA B 77 3.90 -15.57 -0.23
N LEU B 78 3.99 -14.52 0.57
CA LEU B 78 3.52 -14.60 1.96
C LEU B 78 2.01 -14.53 2.02
N PRO B 79 1.39 -15.44 2.77
CA PRO B 79 -0.06 -15.48 2.89
C PRO B 79 -0.69 -14.36 3.74
N LEU B 80 -0.12 -14.05 4.89
CA LEU B 80 -0.66 -13.01 5.75
C LEU B 80 -0.10 -11.63 5.41
N THR B 81 -1.01 -10.67 5.22
CA THR B 81 -0.64 -9.31 4.83
C THR B 81 -1.35 -8.21 5.60
N GLY B 82 -0.70 -7.04 5.64
CA GLY B 82 -1.27 -5.90 6.33
C GLY B 82 -0.60 -4.58 5.96
N GLN B 83 -1.07 -3.50 6.59
CA GLN B 83 -0.54 -2.16 6.37
C GLN B 83 -0.22 -1.54 7.73
N TYR B 84 0.98 -0.96 7.87
CA TYR B 84 1.37 -0.36 9.14
C TYR B 84 1.79 1.12 9.03
N THR B 85 1.63 1.84 10.13
CA THR B 85 1.98 3.27 10.17
C THR B 85 3.40 3.46 10.69
N HIS B 86 4.12 4.45 10.15
CA HIS B 86 5.49 4.67 10.54
C HIS B 86 5.88 6.09 10.94
N TYR B 87 4.90 6.88 11.36
CA TYR B 87 5.16 8.25 11.75
C TYR B 87 6.16 8.40 12.92
N ALA B 88 6.93 9.49 12.86
CA ALA B 88 7.91 9.81 13.89
C ALA B 88 7.33 10.87 14.85
N LEU B 89 8.18 11.38 15.74
CA LEU B 89 7.77 12.40 16.70
C LEU B 89 8.60 13.67 16.55
N ASN B 90 7.99 14.81 16.83
CA ASN B 90 8.74 16.06 16.79
C ASN B 90 9.51 15.96 18.11
N LYS B 91 10.82 16.23 18.06
CA LYS B 91 11.65 16.10 19.25
C LYS B 91 11.32 17.08 20.36
N LYS B 92 10.93 18.30 19.98
CA LYS B 92 10.60 19.33 20.97
C LYS B 92 9.22 19.13 21.59
N THR B 93 8.22 18.93 20.74
CA THR B 93 6.84 18.79 21.20
C THR B 93 6.36 17.40 21.54
N GLY B 94 6.91 16.39 20.89
CA GLY B 94 6.47 15.03 21.16
C GLY B 94 5.23 14.72 20.35
N LYS B 95 4.95 15.59 19.38
CA LYS B 95 3.81 15.41 18.49
C LYS B 95 4.28 14.62 17.27
N PRO B 96 3.35 14.00 16.55
CA PRO B 96 3.71 13.21 15.36
C PRO B 96 4.37 14.11 14.30
N ASP B 97 5.27 13.55 13.50
CA ASP B 97 5.89 14.29 12.41
C ASP B 97 5.88 13.48 11.11
N TYR B 98 4.84 13.67 10.30
CA TYR B 98 4.16 12.56 9.64
C TYR B 98 5.03 11.96 8.54
N VAL B 99 6.27 12.42 8.46
CA VAL B 99 7.25 11.83 7.56
C VAL B 99 8.51 11.40 8.32
N THR B 100 8.61 10.11 8.59
CA THR B 100 9.76 9.56 9.32
C THR B 100 11.00 9.41 8.44
N ASP B 101 12.14 9.18 9.08
CA ASP B 101 13.39 8.94 8.36
C ASP B 101 13.73 7.49 8.69
N LEU B 102 14.75 6.92 8.07
CA LEU B 102 15.11 5.53 8.32
C LEU B 102 15.45 5.26 9.78
N ALA B 103 16.23 6.17 10.37
CA ALA B 103 16.66 6.04 11.75
C ALA B 103 15.50 5.87 12.73
N ALA B 104 14.51 6.75 12.64
CA ALA B 104 13.35 6.68 13.54
C ALA B 104 12.50 5.45 13.24
N SER B 105 12.35 5.13 11.97
CA SER B 105 11.59 3.96 11.57
C SER B 105 12.27 2.71 12.15
N ALA B 106 13.57 2.58 11.91
CA ALA B 106 14.34 1.44 12.37
C ALA B 106 14.33 1.35 13.90
N THR B 107 14.32 2.50 14.57
CA THR B 107 14.28 2.52 16.03
C THR B 107 12.93 1.98 16.51
N ALA B 108 11.89 2.32 15.78
CA ALA B 108 10.54 1.91 16.11
C ALA B 108 10.34 0.39 16.13
N TRP B 109 10.73 -0.32 15.08
CA TRP B 109 10.54 -1.75 15.09
C TRP B 109 11.57 -2.48 15.95
N SER B 110 12.76 -1.91 16.11
CA SER B 110 13.80 -2.57 16.90
C SER B 110 13.74 -2.33 18.41
N THR B 111 13.05 -1.28 18.82
CA THR B 111 12.93 -0.99 20.25
C THR B 111 11.48 -0.86 20.70
N GLY B 112 10.60 -0.47 19.79
CA GLY B 112 9.20 -0.31 20.13
C GLY B 112 8.79 1.08 20.58
N VAL B 113 9.67 2.07 20.45
CA VAL B 113 9.34 3.44 20.85
C VAL B 113 9.50 4.40 19.69
N LYS B 114 8.60 5.34 19.58
CA LYS B 114 8.71 6.33 18.52
C LYS B 114 9.85 7.24 18.98
N THR B 115 10.39 8.01 18.05
CA THR B 115 11.49 8.92 18.37
C THR B 115 11.60 9.96 17.24
N TYR B 116 12.64 10.79 17.28
CA TYR B 116 12.76 11.83 16.25
C TYR B 116 13.60 11.40 15.06
N ASN B 117 13.29 11.97 13.91
CA ASN B 117 14.04 11.65 12.69
C ASN B 117 15.51 11.85 13.02
N GLY B 118 16.32 10.85 12.69
CA GLY B 118 17.76 10.90 12.93
C GLY B 118 18.19 10.04 14.11
N ALA B 119 17.36 9.99 15.15
CA ALA B 119 17.69 9.21 16.34
C ALA B 119 17.85 7.71 16.05
N LEU B 120 18.79 7.08 16.75
CA LEU B 120 19.02 5.65 16.64
C LEU B 120 19.07 5.04 18.04
N GLY B 121 18.14 4.14 18.32
CA GLY B 121 18.11 3.49 19.62
C GLY B 121 17.90 4.36 20.85
N VAL B 122 17.30 5.53 20.65
CA VAL B 122 17.01 6.44 21.76
C VAL B 122 15.68 7.14 21.50
N ASP B 123 14.99 7.52 22.58
CA ASP B 123 13.71 8.19 22.45
C ASP B 123 13.96 9.69 22.28
N ILE B 124 12.91 10.49 22.45
CA ILE B 124 13.06 11.94 22.29
C ILE B 124 13.76 12.61 23.47
N HIS B 125 14.02 11.84 24.51
CA HIS B 125 14.73 12.34 25.68
C HIS B 125 16.18 11.84 25.61
N GLU B 126 16.59 11.39 24.43
CA GLU B 126 17.92 10.85 24.19
C GLU B 126 18.26 9.74 25.18
N LYS B 127 17.23 9.06 25.66
CA LYS B 127 17.38 7.95 26.61
C LYS B 127 17.40 6.66 25.81
N ASP B 128 18.35 5.78 26.14
CA ASP B 128 18.52 4.50 25.44
C ASP B 128 17.39 3.51 25.70
N HIS B 129 17.21 2.59 24.76
CA HIS B 129 16.21 1.53 24.85
C HIS B 129 16.77 0.26 24.19
N PRO B 130 16.65 -0.89 24.86
CA PRO B 130 17.16 -2.14 24.32
C PRO B 130 16.52 -2.54 22.99
N THR B 131 17.28 -3.22 22.14
CA THR B 131 16.78 -3.67 20.84
C THR B 131 16.38 -5.13 20.87
N ILE B 132 15.57 -5.51 19.90
CA ILE B 132 15.12 -6.88 19.80
C ILE B 132 16.34 -7.77 19.70
N LEU B 133 17.41 -7.23 19.13
CA LEU B 133 18.63 -8.02 18.99
C LEU B 133 19.38 -8.24 20.31
N GLU B 134 19.48 -7.20 21.13
CA GLU B 134 20.17 -7.30 22.42
C GLU B 134 19.38 -8.25 23.30
N MET B 135 18.06 -8.12 23.24
CA MET B 135 17.17 -8.96 24.02
C MET B 135 17.32 -10.41 23.62
N ALA B 136 17.48 -10.67 22.32
CA ALA B 136 17.63 -12.03 21.82
C ALA B 136 18.92 -12.63 22.39
N LYS B 137 19.98 -11.82 22.42
CA LYS B 137 21.25 -12.27 22.96
C LYS B 137 21.11 -12.58 24.45
N ALA B 138 20.40 -11.72 25.17
CA ALA B 138 20.19 -11.88 26.61
C ALA B 138 19.29 -13.06 26.93
N ALA B 139 18.89 -13.79 25.90
CA ALA B 139 18.07 -14.98 26.09
C ALA B 139 18.81 -16.19 25.51
N GLY B 140 20.04 -15.95 25.05
CA GLY B 140 20.85 -17.02 24.51
C GLY B 140 20.59 -17.35 23.06
N LEU B 141 19.81 -16.52 22.37
CA LEU B 141 19.54 -16.77 20.95
C LEU B 141 20.72 -16.23 20.15
N ALA B 142 20.96 -16.83 18.98
CA ALA B 142 22.05 -16.37 18.13
C ALA B 142 21.49 -15.14 17.43
N THR B 143 22.37 -14.26 16.97
CA THR B 143 21.91 -13.04 16.32
C THR B 143 22.64 -12.76 15.02
N GLY B 144 21.91 -12.25 14.03
CA GLY B 144 22.50 -11.95 12.74
C GLY B 144 22.05 -10.60 12.25
N ASN B 145 22.99 -9.83 11.72
CA ASN B 145 22.70 -8.49 11.23
C ASN B 145 23.31 -8.39 9.83
N VAL B 146 22.45 -8.53 8.83
CA VAL B 146 22.89 -8.52 7.44
C VAL B 146 22.25 -7.40 6.64
N SER B 147 23.05 -6.76 5.80
CA SER B 147 22.56 -5.66 4.98
C SER B 147 23.52 -5.40 3.81
N THR B 148 22.98 -5.04 2.65
CA THR B 148 23.86 -4.76 1.51
C THR B 148 24.28 -3.30 1.51
N ALA B 149 23.89 -2.59 2.56
CA ALA B 149 24.28 -1.20 2.69
C ALA B 149 25.43 -1.16 3.67
N GLU B 150 25.80 0.03 4.10
CA GLU B 150 26.87 0.20 5.08
C GLU B 150 26.31 -0.29 6.41
N LEU B 151 27.07 -1.12 7.12
CA LEU B 151 26.59 -1.62 8.40
C LEU B 151 26.36 -0.46 9.38
N GLN B 152 26.89 0.73 9.07
CA GLN B 152 26.71 1.89 9.94
C GLN B 152 25.42 2.64 9.61
N ASP B 153 24.83 2.35 8.46
CA ASP B 153 23.59 3.03 8.09
C ASP B 153 22.49 2.62 9.07
N ALA B 154 21.46 3.46 9.16
CA ALA B 154 20.35 3.28 10.09
C ALA B 154 19.76 1.90 10.35
N THR B 155 19.40 1.19 9.31
CA THR B 155 18.76 -0.11 9.48
C THR B 155 19.53 -1.14 10.30
N PRO B 156 20.76 -1.50 9.89
CA PRO B 156 21.48 -2.48 10.70
C PRO B 156 21.99 -1.89 12.03
N ALA B 157 22.35 -0.60 12.01
CA ALA B 157 22.84 0.06 13.21
C ALA B 157 21.80 0.12 14.34
N ALA B 158 20.55 0.41 14.00
CA ALA B 158 19.49 0.50 14.99
C ALA B 158 19.43 -0.70 15.91
N LEU B 159 19.92 -1.84 15.43
CA LEU B 159 19.90 -3.06 16.22
C LEU B 159 21.01 -3.15 17.24
N VAL B 160 22.11 -2.44 16.99
CA VAL B 160 23.28 -2.50 17.87
C VAL B 160 23.86 -1.18 18.37
N ALA B 161 23.27 -0.04 18.01
CA ALA B 161 23.81 1.23 18.44
C ALA B 161 22.78 2.19 19.02
N HIS B 162 23.23 3.10 19.88
CA HIS B 162 22.36 4.11 20.49
C HIS B 162 23.05 5.47 20.43
N VAL B 163 22.68 6.26 19.43
CA VAL B 163 23.28 7.59 19.25
C VAL B 163 22.20 8.61 19.00
N THR B 164 22.49 9.88 19.28
CA THR B 164 21.50 10.91 19.09
C THR B 164 21.36 11.33 17.62
N SER B 165 22.24 10.81 16.76
CA SER B 165 22.21 11.12 15.33
C SER B 165 22.78 9.96 14.51
N ARG B 166 22.07 9.59 13.43
CA ARG B 166 22.51 8.49 12.58
C ARG B 166 23.80 8.84 11.85
N LYS B 167 24.14 10.12 11.82
CA LYS B 167 25.34 10.58 11.14
C LYS B 167 26.60 10.04 11.82
N CYS B 168 26.50 9.81 13.13
CA CYS B 168 27.65 9.39 13.91
C CYS B 168 28.18 7.98 13.64
N TYR B 169 28.73 7.81 12.43
CA TYR B 169 29.29 6.56 11.95
C TYR B 169 30.50 6.04 12.75
N GLY B 170 31.51 6.89 12.89
CA GLY B 170 32.69 6.50 13.63
C GLY B 170 33.14 7.55 14.62
N PRO B 171 34.36 7.44 15.17
CA PRO B 171 34.88 8.42 16.13
C PRO B 171 34.76 9.87 15.67
N SER B 172 35.47 10.21 14.60
CA SER B 172 35.46 11.55 14.07
C SER B 172 34.09 12.22 14.07
N ALA B 173 33.11 11.57 13.44
CA ALA B 173 31.76 12.11 13.33
C ALA B 173 31.00 12.16 14.65
N THR B 174 31.28 11.21 15.54
CA THR B 174 30.59 11.19 16.82
C THR B 174 31.09 12.33 17.70
N SER B 175 32.40 12.54 17.66
CA SER B 175 33.01 13.59 18.45
C SER B 175 32.31 14.92 18.26
N GLU B 176 31.89 15.23 17.03
CA GLU B 176 31.23 16.52 16.81
C GLU B 176 29.71 16.52 16.78
N LYS B 177 29.09 15.46 16.26
CA LYS B 177 27.64 15.43 16.19
C LYS B 177 26.93 14.69 17.30
N CYS B 178 27.65 13.82 18.01
CA CYS B 178 27.07 13.07 19.13
C CYS B 178 28.05 13.11 20.30
N PRO B 179 28.40 14.31 20.77
CA PRO B 179 29.34 14.53 21.88
C PRO B 179 29.07 13.65 23.11
N GLY B 180 27.80 13.55 23.49
CA GLY B 180 27.47 12.74 24.65
C GLY B 180 27.63 11.26 24.37
N ASN B 181 27.87 10.91 23.12
CA ASN B 181 28.05 9.51 22.76
C ASN B 181 29.54 9.22 22.57
N ALA B 182 30.30 10.24 22.21
CA ALA B 182 31.72 10.08 21.98
C ALA B 182 32.35 9.30 23.12
N LEU B 183 33.25 8.38 22.77
CA LEU B 183 33.91 7.54 23.76
C LEU B 183 34.73 8.36 24.76
N GLU B 184 35.48 9.32 24.22
CA GLU B 184 36.36 10.17 25.02
C GLU B 184 35.62 11.13 25.94
N LYS B 185 34.29 11.08 25.91
CA LYS B 185 33.46 11.94 26.74
C LYS B 185 32.65 11.07 27.70
N GLY B 186 33.01 9.80 27.80
CA GLY B 186 32.30 8.91 28.69
C GLY B 186 31.14 8.20 28.02
N GLY B 187 30.90 8.55 26.75
CA GLY B 187 29.81 7.95 26.02
C GLY B 187 30.07 6.51 25.64
N LYS B 188 29.05 5.84 25.11
CA LYS B 188 29.20 4.46 24.70
C LYS B 188 29.92 4.35 23.36
N GLY B 189 30.18 5.49 22.73
CA GLY B 189 30.91 5.50 21.47
C GLY B 189 30.08 5.66 20.20
N SER B 190 30.76 5.71 19.06
CA SER B 190 30.10 5.84 17.77
C SER B 190 29.36 4.56 17.36
N ILE B 191 28.58 4.64 16.30
CA ILE B 191 27.84 3.49 15.80
C ILE B 191 28.70 2.25 15.57
N THR B 192 29.86 2.44 14.93
CA THR B 192 30.73 1.30 14.67
C THR B 192 31.32 0.75 15.97
N GLU B 193 31.75 1.63 16.85
CA GLU B 193 32.30 1.18 18.13
C GLU B 193 31.24 0.39 18.90
N GLN B 194 29.99 0.88 18.91
CA GLN B 194 28.92 0.18 19.62
C GLN B 194 28.56 -1.14 18.93
N LEU B 195 28.77 -1.21 17.61
CA LEU B 195 28.49 -2.43 16.87
C LEU B 195 29.45 -3.52 17.35
N LEU B 196 30.72 -3.12 17.53
CA LEU B 196 31.73 -4.06 18.00
C LEU B 196 31.46 -4.49 19.42
N ASN B 197 30.75 -3.66 20.18
CA ASN B 197 30.39 -4.01 21.55
C ASN B 197 29.19 -4.96 21.55
N ALA B 198 28.22 -4.67 20.70
CA ALA B 198 27.00 -5.46 20.59
C ALA B 198 27.36 -6.91 20.41
N ARG B 199 28.35 -7.15 19.55
CA ARG B 199 28.85 -8.50 19.30
C ARG B 199 27.81 -9.52 18.80
N ALA B 200 27.16 -9.23 17.68
CA ALA B 200 26.20 -10.17 17.14
C ALA B 200 27.04 -11.34 16.63
N ASP B 201 26.43 -12.53 16.56
CA ASP B 201 27.17 -13.69 16.07
C ASP B 201 27.53 -13.51 14.60
N VAL B 202 26.60 -12.94 13.82
CA VAL B 202 26.85 -12.74 12.40
C VAL B 202 26.50 -11.33 11.95
N THR B 203 27.48 -10.61 11.41
CA THR B 203 27.29 -9.25 10.91
C THR B 203 27.98 -9.18 9.55
N LEU B 204 27.18 -9.01 8.50
CA LEU B 204 27.69 -8.99 7.12
C LEU B 204 27.16 -7.79 6.34
N GLY B 205 28.02 -7.18 5.52
CA GLY B 205 27.57 -6.04 4.73
C GLY B 205 28.68 -5.14 4.24
N GLY B 206 28.32 -3.91 3.89
CA GLY B 206 29.29 -2.94 3.45
C GLY B 206 29.64 -2.04 4.61
N GLY B 207 30.31 -0.92 4.34
CA GLY B 207 30.65 -0.01 5.41
C GLY B 207 31.99 -0.25 6.06
N ALA B 208 32.93 -0.82 5.31
CA ALA B 208 34.26 -1.06 5.86
C ALA B 208 35.07 0.25 6.00
N LYS B 209 34.63 1.31 5.33
CA LYS B 209 35.35 2.59 5.40
C LYS B 209 35.57 3.13 6.81
N THR B 210 34.49 3.22 7.57
CA THR B 210 34.56 3.73 8.94
C THR B 210 35.51 2.88 9.77
N PHE B 211 35.69 1.62 9.41
CA PHE B 211 36.57 0.74 10.17
C PHE B 211 38.03 1.10 9.99
N ALA B 212 38.31 2.05 9.10
CA ALA B 212 39.68 2.51 8.86
C ALA B 212 40.02 3.56 9.91
N GLU B 213 38.98 4.13 10.52
CA GLU B 213 39.17 5.14 11.55
C GLU B 213 39.78 4.54 12.82
N THR B 214 40.49 5.38 13.56
CA THR B 214 41.10 4.92 14.82
C THR B 214 40.27 5.44 15.99
N ALA B 215 40.27 4.71 17.08
CA ALA B 215 39.51 5.13 18.24
C ALA B 215 40.30 6.25 18.90
N THR B 216 39.60 7.23 19.46
CA THR B 216 40.29 8.35 20.09
C THR B 216 40.51 8.14 21.58
N ALA B 217 39.96 7.08 22.13
CA ALA B 217 40.11 6.79 23.54
C ALA B 217 39.81 5.33 23.80
N GLY B 218 39.80 4.95 25.07
CA GLY B 218 39.49 3.59 25.42
C GLY B 218 40.63 2.61 25.31
N GLU B 219 40.28 1.35 25.55
CA GLU B 219 41.18 0.19 25.51
C GLU B 219 41.96 0.04 24.21
N TRP B 220 41.33 0.40 23.09
CA TRP B 220 41.95 0.28 21.77
C TRP B 220 42.27 1.62 21.13
N GLN B 221 42.50 2.63 21.96
CA GLN B 221 42.83 3.96 21.48
C GLN B 221 44.01 3.84 20.53
N GLY B 222 44.01 4.64 19.47
CA GLY B 222 45.13 4.62 18.55
C GLY B 222 45.17 3.60 17.43
N LYS B 223 44.39 2.54 17.50
CA LYS B 223 44.40 1.56 16.41
C LYS B 223 43.09 1.61 15.65
N THR B 224 43.13 1.14 14.40
CA THR B 224 41.93 1.16 13.56
C THR B 224 40.84 0.28 14.15
N LEU B 225 39.60 0.62 13.82
CA LEU B 225 38.46 -0.15 14.30
C LEU B 225 38.51 -1.55 13.69
N ARG B 226 39.20 -1.68 12.55
CA ARG B 226 39.35 -2.99 11.93
C ARG B 226 40.30 -3.82 12.82
N GLU B 227 41.39 -3.19 13.27
CA GLU B 227 42.35 -3.86 14.14
C GLU B 227 41.70 -4.24 15.47
N GLN B 228 40.75 -3.43 15.92
CA GLN B 228 40.05 -3.66 17.17
C GLN B 228 39.19 -4.90 17.07
N ALA B 229 38.45 -5.01 15.97
CA ALA B 229 37.60 -6.16 15.78
C ALA B 229 38.48 -7.40 15.82
N GLN B 230 39.67 -7.31 15.22
CA GLN B 230 40.57 -8.46 15.20
C GLN B 230 41.05 -8.82 16.60
N ALA B 231 41.48 -7.82 17.35
CA ALA B 231 41.97 -8.03 18.71
C ALA B 231 40.88 -8.57 19.64
N ARG B 232 39.62 -8.31 19.30
CA ARG B 232 38.54 -8.76 20.14
C ARG B 232 37.96 -10.10 19.72
N GLY B 233 38.73 -10.84 18.92
CA GLY B 233 38.31 -12.15 18.48
C GLY B 233 37.31 -12.27 17.35
N TYR B 234 37.12 -11.23 16.54
CA TYR B 234 36.17 -11.34 15.43
C TYR B 234 36.82 -12.09 14.29
N GLN B 235 36.01 -12.70 13.44
CA GLN B 235 36.50 -13.39 12.25
C GLN B 235 36.24 -12.38 11.15
N LEU B 236 37.27 -11.66 10.75
CA LEU B 236 37.11 -10.65 9.72
C LEU B 236 37.15 -11.30 8.35
N VAL B 237 36.11 -11.06 7.56
CA VAL B 237 36.02 -11.63 6.24
C VAL B 237 35.80 -10.48 5.24
N SER B 238 36.41 -10.58 4.06
CA SER B 238 36.30 -9.50 3.09
C SER B 238 35.61 -9.83 1.78
N ASP B 239 35.55 -11.10 1.43
CA ASP B 239 34.92 -11.50 0.20
C ASP B 239 34.17 -12.80 0.34
N ALA B 240 33.61 -13.26 -0.78
CA ALA B 240 32.86 -14.50 -0.85
C ALA B 240 33.72 -15.71 -0.43
N ALA B 241 34.96 -15.75 -0.93
CA ALA B 241 35.84 -16.86 -0.60
C ALA B 241 36.13 -16.91 0.91
N SER B 242 36.39 -15.76 1.52
CA SER B 242 36.65 -15.69 2.96
C SER B 242 35.39 -16.08 3.76
N LEU B 243 34.24 -15.56 3.33
CA LEU B 243 32.97 -15.85 4.00
C LEU B 243 32.62 -17.33 4.00
N ASN B 244 32.72 -17.96 2.83
CA ASN B 244 32.41 -19.39 2.71
C ASN B 244 33.28 -20.31 3.56
N SER B 245 34.56 -19.96 3.73
CA SER B 245 35.47 -20.78 4.52
C SER B 245 35.12 -20.78 6.01
N VAL B 246 34.23 -19.88 6.41
CA VAL B 246 33.81 -19.79 7.81
C VAL B 246 32.90 -20.96 8.16
N THR B 247 33.31 -21.71 9.17
CA THR B 247 32.57 -22.89 9.60
C THR B 247 31.64 -22.67 10.75
N GLU B 248 31.92 -21.68 11.59
CA GLU B 248 31.06 -21.37 12.74
C GLU B 248 31.11 -19.90 13.11
N ALA B 249 30.11 -19.46 13.86
CA ALA B 249 30.01 -18.09 14.32
C ALA B 249 29.24 -18.09 15.63
N ASN B 250 29.90 -17.62 16.69
CA ASN B 250 29.30 -17.57 18.03
C ASN B 250 29.99 -16.49 18.82
N GLN B 251 29.71 -16.42 20.11
CA GLN B 251 30.30 -15.37 20.93
C GLN B 251 31.81 -15.42 21.11
N GLN B 252 32.40 -16.60 20.98
CA GLN B 252 33.84 -16.74 21.11
C GLN B 252 34.49 -16.39 19.77
N LYS B 253 33.78 -16.67 18.68
CA LYS B 253 34.28 -16.37 17.33
C LYS B 253 33.18 -15.69 16.50
N PRO B 254 32.82 -14.44 16.85
CA PRO B 254 31.78 -13.70 16.13
C PRO B 254 32.25 -13.38 14.72
N LEU B 255 31.32 -13.42 13.77
CA LEU B 255 31.63 -13.15 12.37
C LEU B 255 31.28 -11.74 11.97
N LEU B 256 32.26 -11.07 11.34
CA LEU B 256 32.07 -9.71 10.85
C LEU B 256 32.53 -9.67 9.40
N GLY B 257 31.57 -9.53 8.48
CA GLY B 257 31.90 -9.48 7.08
C GLY B 257 31.74 -8.10 6.48
N LEU B 258 32.85 -7.52 6.04
CA LEU B 258 32.87 -6.19 5.43
C LEU B 258 33.22 -6.43 3.97
N PHE B 259 32.23 -6.28 3.10
CA PHE B 259 32.40 -6.56 1.66
C PHE B 259 32.55 -5.41 0.70
N ALA B 260 32.63 -4.19 1.22
CA ALA B 260 32.76 -3.01 0.38
C ALA B 260 33.02 -1.78 1.24
N ASP B 261 33.76 -0.81 0.71
CA ASP B 261 34.06 0.41 1.45
C ASP B 261 32.74 1.05 1.87
N GLY B 262 31.88 1.27 0.89
CA GLY B 262 30.57 1.85 1.17
C GLY B 262 29.51 0.77 1.04
N ASN B 263 28.47 1.04 0.26
CA ASN B 263 27.41 0.06 0.06
C ASN B 263 27.88 -1.03 -0.89
N MET B 264 27.20 -2.16 -0.87
CA MET B 264 27.57 -3.26 -1.74
C MET B 264 27.06 -3.01 -3.16
N PRO B 265 27.73 -3.57 -4.17
CA PRO B 265 27.34 -3.38 -5.57
C PRO B 265 25.87 -3.63 -5.90
N VAL B 266 25.32 -2.80 -6.76
CA VAL B 266 23.92 -2.94 -7.17
C VAL B 266 23.81 -4.10 -8.15
N ARG B 267 22.60 -4.61 -8.28
CA ARG B 267 22.37 -5.72 -9.16
C ARG B 267 22.28 -5.32 -10.63
N TRP B 268 21.49 -4.29 -10.91
CA TRP B 268 21.29 -3.83 -12.28
C TRP B 268 21.74 -2.40 -12.54
N LEU B 269 22.10 -2.12 -13.79
CA LEU B 269 22.55 -0.80 -14.19
C LEU B 269 21.61 -0.23 -15.25
N GLY B 270 21.59 1.09 -15.38
CA GLY B 270 20.75 1.73 -16.37
C GLY B 270 20.86 3.24 -16.30
N PRO B 271 20.53 3.95 -17.39
CA PRO B 271 20.62 5.41 -17.36
C PRO B 271 19.60 5.95 -16.38
N LYS B 272 19.80 7.17 -15.90
CA LYS B 272 18.83 7.71 -14.97
C LYS B 272 17.69 8.41 -15.68
N ALA B 273 16.56 8.55 -14.99
CA ALA B 273 15.39 9.21 -15.54
C ALA B 273 15.68 10.68 -15.78
N THR B 274 15.13 11.22 -16.85
CA THR B 274 15.36 12.61 -17.18
C THR B 274 14.07 13.30 -17.57
N TYR B 275 14.13 14.63 -17.64
CA TYR B 275 12.98 15.43 -18.02
C TYR B 275 12.67 15.05 -19.47
N HIS B 276 11.47 14.51 -19.67
CA HIS B 276 10.99 14.06 -20.97
C HIS B 276 11.72 12.82 -21.47
N GLY B 277 12.33 12.08 -20.55
CA GLY B 277 13.05 10.88 -20.95
C GLY B 277 12.17 9.85 -21.66
N ASN B 278 10.94 9.66 -21.18
CA ASN B 278 10.04 8.67 -21.77
C ASN B 278 9.75 8.83 -23.26
N ILE B 279 9.87 10.04 -23.78
CA ILE B 279 9.63 10.28 -25.21
C ILE B 279 10.88 10.72 -25.97
N ASP B 280 11.76 11.46 -25.29
CA ASP B 280 13.00 11.97 -25.88
C ASP B 280 14.22 11.05 -25.79
N LYS B 281 14.08 9.92 -25.13
CA LYS B 281 15.17 8.96 -24.99
C LYS B 281 14.60 7.57 -25.30
N PRO B 282 15.41 6.68 -25.89
CA PRO B 282 14.92 5.34 -26.22
C PRO B 282 14.49 4.54 -25.00
N ALA B 283 13.57 3.60 -25.20
CA ALA B 283 13.07 2.76 -24.12
C ALA B 283 14.22 1.90 -23.59
N VAL B 284 14.34 1.84 -22.27
CA VAL B 284 15.41 1.12 -21.61
C VAL B 284 15.20 -0.36 -21.28
N THR B 285 16.30 -1.10 -21.35
CA THR B 285 16.36 -2.50 -21.00
C THR B 285 17.53 -2.53 -20.01
N CYS B 286 17.30 -2.98 -18.80
CA CYS B 286 18.36 -2.97 -17.79
C CYS B 286 19.47 -3.97 -18.05
N THR B 287 20.69 -3.58 -17.71
CA THR B 287 21.86 -4.43 -17.90
C THR B 287 22.47 -4.87 -16.58
N PRO B 288 23.05 -6.08 -16.53
CA PRO B 288 23.66 -6.57 -15.30
C PRO B 288 24.87 -5.74 -14.90
N ASN B 289 25.02 -5.52 -13.60
CA ASN B 289 26.15 -4.78 -13.08
C ASN B 289 27.34 -5.73 -13.11
N PRO B 290 28.29 -5.50 -14.03
CA PRO B 290 29.47 -6.36 -14.14
C PRO B 290 30.28 -6.37 -12.85
N GLN B 291 30.15 -5.31 -12.07
CA GLN B 291 30.86 -5.20 -10.79
C GLN B 291 30.33 -6.24 -9.82
N ARG B 292 29.34 -7.02 -10.24
CA ARG B 292 28.77 -8.09 -9.42
C ARG B 292 29.67 -9.31 -9.55
N ASN B 293 30.79 -9.30 -8.85
CA ASN B 293 31.72 -10.43 -8.93
C ASN B 293 31.19 -11.65 -8.19
N ASP B 294 31.85 -12.78 -8.39
CA ASP B 294 31.53 -14.05 -7.75
C ASP B 294 32.22 -13.96 -6.39
N SER B 295 33.13 -12.99 -6.28
CA SER B 295 33.91 -12.75 -5.06
C SER B 295 33.22 -11.81 -4.06
N VAL B 296 32.09 -11.25 -4.45
CA VAL B 296 31.33 -10.37 -3.58
C VAL B 296 29.98 -11.03 -3.35
N PRO B 297 29.74 -11.50 -2.12
CA PRO B 297 28.46 -12.15 -1.84
C PRO B 297 27.23 -11.29 -2.16
N THR B 298 26.16 -11.97 -2.53
CA THR B 298 24.90 -11.31 -2.85
C THR B 298 24.02 -11.35 -1.61
N LEU B 299 23.00 -10.50 -1.59
CA LEU B 299 22.08 -10.45 -0.46
C LEU B 299 21.58 -11.85 -0.09
N ALA B 300 21.25 -12.64 -1.12
CA ALA B 300 20.75 -14.00 -0.96
C ALA B 300 21.81 -14.94 -0.36
N GLN B 301 23.04 -14.87 -0.85
CA GLN B 301 24.09 -15.73 -0.34
C GLN B 301 24.43 -15.43 1.11
N MET B 302 24.41 -14.14 1.49
CA MET B 302 24.73 -13.76 2.88
C MET B 302 23.60 -14.21 3.79
N THR B 303 22.40 -14.30 3.25
CA THR B 303 21.25 -14.73 4.03
C THR B 303 21.45 -16.22 4.29
N ASP B 304 21.78 -16.95 3.24
CA ASP B 304 22.01 -18.38 3.33
C ASP B 304 23.07 -18.70 4.37
N LYS B 305 24.22 -18.04 4.26
CA LYS B 305 25.30 -18.26 5.20
C LYS B 305 24.89 -17.91 6.63
N ALA B 306 24.17 -16.81 6.79
CA ALA B 306 23.72 -16.40 8.12
C ALA B 306 22.83 -17.49 8.71
N ILE B 307 21.92 -18.00 7.90
CA ILE B 307 21.03 -19.05 8.37
C ILE B 307 21.81 -20.30 8.77
N GLU B 308 22.76 -20.69 7.94
CA GLU B 308 23.58 -21.86 8.23
C GLU B 308 24.25 -21.68 9.58
N LEU B 309 24.94 -20.57 9.76
CA LEU B 309 25.65 -20.31 11.00
C LEU B 309 24.76 -20.15 12.23
N LEU B 310 23.67 -19.42 12.08
CA LEU B 310 22.77 -19.17 13.21
C LEU B 310 21.88 -20.35 13.58
N SER B 311 21.62 -21.24 12.63
CA SER B 311 20.77 -22.39 12.89
C SER B 311 21.42 -23.43 13.81
N LYS B 312 22.74 -23.36 13.93
CA LYS B 312 23.46 -24.31 14.78
C LYS B 312 23.27 -24.07 16.28
N ASN B 313 22.42 -23.11 16.62
CA ASN B 313 22.14 -22.78 18.02
C ASN B 313 20.80 -23.40 18.37
N GLU B 314 20.82 -24.39 19.25
CA GLU B 314 19.61 -25.09 19.66
C GLU B 314 18.49 -24.17 20.15
N LYS B 315 18.84 -23.17 20.94
CA LYS B 315 17.84 -22.25 21.48
C LYS B 315 17.10 -21.46 20.40
N GLY B 316 17.79 -21.12 19.32
CA GLY B 316 17.16 -20.38 18.26
C GLY B 316 17.94 -19.16 17.81
N PHE B 317 17.34 -18.33 16.98
CA PHE B 317 18.04 -17.14 16.50
C PHE B 317 17.14 -16.06 15.89
N PHE B 318 17.69 -14.85 15.84
CA PHE B 318 17.03 -13.72 15.25
C PHE B 318 17.99 -13.21 14.18
N LEU B 319 17.45 -12.95 12.99
CA LEU B 319 18.26 -12.44 11.91
C LEU B 319 17.51 -11.37 11.15
N GLN B 320 18.21 -10.29 10.82
CA GLN B 320 17.63 -9.20 10.07
C GLN B 320 18.43 -9.07 8.77
N VAL B 321 17.72 -9.06 7.65
CA VAL B 321 18.36 -8.95 6.35
C VAL B 321 17.80 -7.69 5.71
N GLU B 322 18.68 -6.83 5.20
CA GLU B 322 18.25 -5.61 4.56
C GLU B 322 18.78 -5.49 3.14
N GLY B 323 17.86 -5.29 2.20
CA GLY B 323 18.25 -5.16 0.82
C GLY B 323 18.14 -3.70 0.40
N ALA B 324 19.26 -2.98 0.49
CA ALA B 324 19.30 -1.58 0.11
C ALA B 324 20.70 -1.17 -0.31
N SER B 325 21.20 -1.81 -1.35
CA SER B 325 22.53 -1.50 -1.88
C SER B 325 22.51 -0.14 -2.58
N ILE B 326 21.30 0.36 -2.74
CA ILE B 326 21.21 1.65 -3.38
C ILE B 326 21.83 2.70 -2.47
N ASP B 327 22.04 3.89 -3.02
CA ASP B 327 22.81 4.92 -2.34
C ASP B 327 21.95 6.16 -2.11
N LYS B 328 22.60 7.33 -2.10
CA LYS B 328 22.13 8.47 -2.88
C LYS B 328 23.18 8.92 -3.90
N GLN B 329 22.95 10.06 -4.52
CA GLN B 329 22.47 10.13 -5.89
C GLN B 329 23.62 9.90 -6.88
N ASP B 330 24.05 8.65 -7.00
CA ASP B 330 24.49 8.11 -8.28
C ASP B 330 23.54 7.03 -8.78
N HIS B 331 23.37 5.99 -7.99
CA HIS B 331 22.21 5.11 -8.11
C HIS B 331 20.91 5.90 -8.19
N ALA B 332 20.65 6.69 -7.15
CA ALA B 332 19.58 7.69 -7.20
C ALA B 332 18.16 7.46 -7.75
N ALA B 333 17.80 8.38 -8.66
CA ALA B 333 16.52 8.38 -9.36
C ALA B 333 16.71 7.36 -10.46
N ASN B 334 17.27 6.22 -10.09
CA ASN B 334 17.59 5.15 -11.02
C ASN B 334 16.66 3.95 -10.98
N PRO B 335 15.69 3.93 -11.89
CA PRO B 335 14.74 2.83 -11.98
C PRO B 335 15.45 1.49 -12.12
N CYS B 336 16.38 1.41 -13.08
CA CYS B 336 17.14 0.19 -13.30
C CYS B 336 17.74 -0.31 -11.98
N GLY B 337 18.39 0.59 -11.25
CA GLY B 337 18.98 0.26 -9.98
C GLY B 337 17.93 0.03 -8.91
N GLN B 338 16.80 0.72 -9.06
CA GLN B 338 15.69 0.58 -8.12
C GLN B 338 15.01 -0.78 -8.29
N ILE B 339 14.78 -1.17 -9.54
CA ILE B 339 14.16 -2.47 -9.83
C ILE B 339 15.01 -3.68 -9.46
N GLY B 340 16.27 -3.66 -9.86
CA GLY B 340 17.16 -4.75 -9.55
C GLY B 340 17.29 -4.97 -8.06
N GLU B 341 17.05 -3.92 -7.29
CA GLU B 341 17.14 -3.98 -5.84
C GLU B 341 16.00 -4.82 -5.25
N THR B 342 14.82 -4.70 -5.85
CA THR B 342 13.66 -5.44 -5.39
C THR B 342 13.82 -6.91 -5.78
N VAL B 343 14.52 -7.17 -6.87
CA VAL B 343 14.77 -8.54 -7.30
C VAL B 343 15.75 -9.16 -6.30
N ASP B 344 16.73 -8.36 -5.87
CA ASP B 344 17.70 -8.82 -4.88
C ASP B 344 16.96 -9.29 -3.64
N LEU B 345 16.04 -8.48 -3.14
CA LEU B 345 15.29 -8.84 -1.96
C LEU B 345 14.47 -10.11 -2.19
N ASP B 346 13.77 -10.17 -3.31
CA ASP B 346 12.96 -11.34 -3.63
C ASP B 346 13.77 -12.62 -3.55
N GLU B 347 15.03 -12.60 -4.01
CA GLU B 347 15.85 -13.82 -3.94
C GLU B 347 16.11 -14.17 -2.47
N ALA B 348 16.49 -13.16 -1.69
CA ALA B 348 16.76 -13.37 -0.27
C ALA B 348 15.51 -13.91 0.46
N VAL B 349 14.35 -13.36 0.13
CA VAL B 349 13.10 -13.79 0.75
C VAL B 349 12.79 -15.23 0.40
N GLN B 350 13.12 -15.65 -0.82
CA GLN B 350 12.87 -17.03 -1.21
C GLN B 350 13.69 -17.97 -0.31
N ARG B 351 14.99 -17.68 -0.16
CA ARG B 351 15.84 -18.50 0.70
C ARG B 351 15.24 -18.57 2.11
N ALA B 352 14.83 -17.43 2.64
CA ALA B 352 14.25 -17.36 3.96
C ALA B 352 13.01 -18.25 4.07
N LEU B 353 12.10 -18.14 3.09
CA LEU B 353 10.88 -18.94 3.09
C LEU B 353 11.17 -20.44 2.93
N GLU B 354 12.12 -20.77 2.06
CA GLU B 354 12.46 -22.17 1.84
C GLU B 354 12.98 -22.75 3.16
N PHE B 355 13.78 -21.97 3.88
CA PHE B 355 14.30 -22.44 5.16
C PHE B 355 13.18 -22.56 6.19
N ALA B 356 12.38 -21.50 6.30
CA ALA B 356 11.30 -21.46 7.29
C ALA B 356 10.23 -22.52 7.09
N LYS B 357 9.98 -22.91 5.84
CA LYS B 357 8.98 -23.91 5.52
C LYS B 357 9.35 -25.28 6.02
N LYS B 358 10.58 -25.71 5.76
CA LYS B 358 11.00 -27.02 6.20
C LYS B 358 11.37 -27.09 7.68
N GLU B 359 11.60 -25.94 8.30
CA GLU B 359 11.95 -25.92 9.72
C GLU B 359 10.67 -25.83 10.56
N GLY B 360 9.66 -25.16 10.00
CA GLY B 360 8.37 -25.02 10.63
C GLY B 360 8.18 -24.24 11.92
N ASN B 361 9.25 -23.63 12.43
CA ASN B 361 9.17 -22.86 13.66
C ASN B 361 9.74 -21.47 13.48
N THR B 362 9.80 -21.02 12.23
CA THR B 362 10.36 -19.71 11.92
C THR B 362 9.33 -18.72 11.40
N LEU B 363 9.39 -17.51 11.93
CA LEU B 363 8.51 -16.42 11.54
C LEU B 363 9.28 -15.53 10.57
N VAL B 364 8.85 -15.47 9.31
CA VAL B 364 9.53 -14.62 8.35
C VAL B 364 8.67 -13.39 8.10
N ILE B 365 9.26 -12.23 8.30
CA ILE B 365 8.55 -10.98 8.11
C ILE B 365 9.23 -10.16 7.03
N VAL B 366 8.46 -9.74 6.03
CA VAL B 366 9.02 -8.96 4.95
C VAL B 366 8.31 -7.61 4.91
N THR B 367 9.08 -6.54 4.85
CA THR B 367 8.50 -5.21 4.83
C THR B 367 9.46 -4.18 4.26
N ALA B 368 9.03 -2.93 4.25
CA ALA B 368 9.85 -1.84 3.76
C ALA B 368 9.85 -0.83 4.89
N ASP B 369 10.63 0.23 4.75
CA ASP B 369 10.70 1.27 5.78
C ASP B 369 9.87 2.50 5.43
N HIS B 370 9.65 2.71 4.12
CA HIS B 370 8.86 3.84 3.62
C HIS B 370 8.65 3.60 2.13
N ALA B 371 7.72 4.32 1.54
CA ALA B 371 7.47 4.19 0.12
C ALA B 371 8.26 5.28 -0.57
N HIS B 372 8.67 5.05 -1.80
CA HIS B 372 9.38 6.08 -2.53
C HIS B 372 8.31 6.72 -3.41
N ALA B 373 8.44 8.01 -3.69
CA ALA B 373 7.43 8.69 -4.50
C ALA B 373 7.53 8.39 -5.98
N SER B 374 8.37 7.43 -6.34
CA SER B 374 8.49 7.04 -7.74
C SER B 374 7.15 6.43 -8.06
N GLN B 375 6.74 6.49 -9.32
CA GLN B 375 5.46 5.91 -9.70
C GLN B 375 5.41 5.44 -11.14
N ILE B 376 4.50 4.52 -11.39
CA ILE B 376 4.29 3.97 -12.72
C ILE B 376 3.21 4.85 -13.35
N VAL B 377 3.55 5.54 -14.43
CA VAL B 377 2.58 6.40 -15.10
C VAL B 377 2.34 5.99 -16.55
N ALA B 378 1.31 6.57 -17.17
CA ALA B 378 0.96 6.25 -18.56
C ALA B 378 2.03 6.71 -19.56
N PRO B 379 2.24 5.94 -20.64
CA PRO B 379 3.25 6.27 -21.66
C PRO B 379 3.08 7.71 -22.12
N ASP B 380 1.85 8.21 -22.03
CA ASP B 380 1.50 9.55 -22.44
C ASP B 380 1.35 10.50 -21.25
N THR B 381 2.16 10.28 -20.22
CA THR B 381 2.13 11.14 -19.02
C THR B 381 2.14 12.60 -19.46
N LYS B 382 1.52 13.45 -18.66
CA LYS B 382 1.50 14.88 -18.96
C LYS B 382 2.07 15.63 -17.75
N ALA B 383 2.39 14.88 -16.69
CA ALA B 383 2.91 15.45 -15.46
C ALA B 383 4.41 15.79 -15.48
N PRO B 384 4.80 16.81 -14.69
CA PRO B 384 6.17 17.31 -14.57
C PRO B 384 7.11 16.39 -13.80
N GLY B 385 8.28 16.12 -14.38
CA GLY B 385 9.24 15.27 -13.71
C GLY B 385 10.13 14.40 -14.59
N LEU B 386 11.11 13.77 -13.93
CA LEU B 386 12.07 12.86 -14.56
C LEU B 386 11.38 11.55 -14.92
N THR B 387 11.47 11.14 -16.17
CA THR B 387 10.83 9.92 -16.63
C THR B 387 11.73 9.04 -17.48
N GLN B 388 11.36 7.77 -17.56
CA GLN B 388 12.09 6.79 -18.34
C GLN B 388 11.16 5.66 -18.73
N ALA B 389 11.24 5.25 -19.99
CA ALA B 389 10.44 4.15 -20.49
C ALA B 389 11.29 2.88 -20.39
N LEU B 390 10.66 1.77 -20.02
CA LEU B 390 11.39 0.51 -19.88
C LEU B 390 10.73 -0.61 -20.66
N ASN B 391 11.53 -1.54 -21.15
CA ASN B 391 10.98 -2.68 -21.88
C ASN B 391 10.74 -3.80 -20.87
N THR B 392 9.48 -4.11 -20.62
CA THR B 392 9.13 -5.15 -19.63
C THR B 392 9.15 -6.54 -20.25
N LYS B 393 8.96 -7.55 -19.42
CA LYS B 393 8.96 -8.93 -19.88
C LYS B 393 7.76 -9.22 -20.78
N ASP B 394 6.76 -8.35 -20.75
CA ASP B 394 5.56 -8.52 -21.55
C ASP B 394 5.72 -8.04 -22.98
N GLY B 395 6.88 -7.49 -23.31
CA GLY B 395 7.07 -7.00 -24.65
C GLY B 395 6.36 -5.67 -24.85
N ALA B 396 6.06 -5.01 -23.73
CA ALA B 396 5.40 -3.70 -23.76
C ALA B 396 6.24 -2.73 -22.94
N VAL B 397 6.03 -1.43 -23.13
CA VAL B 397 6.82 -0.48 -22.37
C VAL B 397 6.09 0.03 -21.13
N MET B 398 6.88 0.36 -20.13
CA MET B 398 6.36 0.88 -18.88
C MET B 398 7.14 2.14 -18.59
N VAL B 399 6.44 3.20 -18.22
CA VAL B 399 7.08 4.46 -17.90
C VAL B 399 7.13 4.70 -16.39
N MET B 400 8.24 5.27 -15.92
CA MET B 400 8.43 5.58 -14.51
C MET B 400 8.72 7.07 -14.33
N SER B 401 8.29 7.62 -13.20
CA SER B 401 8.54 9.03 -12.89
C SER B 401 8.75 9.24 -11.40
N TYR B 402 9.78 10.00 -11.04
CA TYR B 402 10.04 10.31 -9.63
C TYR B 402 9.80 11.81 -9.46
N GLY B 403 9.07 12.15 -8.39
CA GLY B 403 8.72 13.54 -8.13
C GLY B 403 9.75 14.37 -7.40
N ASN B 404 11.01 13.99 -7.58
CA ASN B 404 12.11 14.70 -6.93
C ASN B 404 12.94 15.50 -7.90
N SER B 405 13.65 16.48 -7.37
CA SER B 405 14.54 17.28 -8.20
C SER B 405 15.87 16.56 -8.37
N GLU B 406 16.18 16.21 -9.62
CA GLU B 406 17.49 15.66 -9.94
C GLU B 406 18.34 16.71 -9.20
N GLU B 407 19.51 16.33 -8.70
CA GLU B 407 20.36 17.22 -7.90
C GLU B 407 19.59 17.38 -6.59
N ASP B 408 18.94 16.27 -6.28
CA ASP B 408 18.16 16.10 -5.07
C ASP B 408 17.72 14.67 -5.01
N SER B 409 17.85 14.15 -3.91
CA SER B 409 17.51 12.77 -3.67
C SER B 409 16.02 12.56 -3.50
N GLN B 410 15.61 11.35 -3.83
CA GLN B 410 14.19 11.06 -3.71
C GLN B 410 13.70 11.26 -2.28
N GLU B 411 12.54 11.89 -2.14
CA GLU B 411 12.01 12.24 -0.83
C GLU B 411 11.30 11.05 -0.19
N HIS B 412 11.06 11.15 1.12
CA HIS B 412 10.21 10.19 1.81
C HIS B 412 8.73 10.52 1.62
N THR B 413 7.86 9.56 1.92
CA THR B 413 6.46 9.85 2.18
C THR B 413 6.00 9.23 3.49
N GLY B 414 4.81 9.62 3.95
CA GLY B 414 4.28 9.11 5.19
C GLY B 414 3.17 8.08 5.05
N SER B 415 2.95 7.63 3.83
CA SER B 415 1.92 6.63 3.56
C SER B 415 2.16 5.33 4.34
N GLN B 416 1.11 4.79 4.95
CA GLN B 416 1.26 3.52 5.66
C GLN B 416 1.69 2.52 4.58
N LEU B 417 2.48 1.52 4.95
CA LEU B 417 2.94 0.58 3.95
C LEU B 417 2.87 -0.90 4.27
N ARG B 418 3.05 -1.68 3.21
CA ARG B 418 2.98 -3.13 3.24
C ARG B 418 3.97 -3.88 4.13
N ILE B 419 3.43 -4.87 4.83
CA ILE B 419 4.21 -5.76 5.68
C ILE B 419 3.51 -7.09 5.53
N ALA B 420 4.29 -8.15 5.33
CA ALA B 420 3.75 -9.49 5.18
C ALA B 420 4.51 -10.42 6.10
N ALA B 421 3.86 -11.52 6.48
CA ALA B 421 4.52 -12.47 7.37
C ALA B 421 4.12 -13.90 7.06
N TYR B 422 4.98 -14.83 7.48
CA TYR B 422 4.73 -16.25 7.28
C TYR B 422 5.18 -17.01 8.51
N GLY B 423 4.35 -17.93 8.95
CA GLY B 423 4.71 -18.74 10.09
C GLY B 423 4.06 -18.39 11.41
N PRO B 424 4.58 -18.96 12.49
CA PRO B 424 4.03 -18.70 13.81
C PRO B 424 4.00 -17.21 14.12
N HIS B 425 2.83 -16.76 14.59
CA HIS B 425 2.62 -15.37 14.95
C HIS B 425 2.55 -14.40 13.79
N ALA B 426 2.49 -14.93 12.56
CA ALA B 426 2.41 -14.08 11.39
C ALA B 426 1.11 -13.26 11.33
N ALA B 427 0.09 -13.71 12.05
CA ALA B 427 -1.20 -13.03 12.06
C ALA B 427 -1.10 -11.61 12.56
N ASN B 428 -0.19 -11.38 13.49
CA ASN B 428 -0.04 -10.06 14.06
C ASN B 428 0.43 -8.95 13.12
N VAL B 429 0.50 -9.23 11.81
CA VAL B 429 0.90 -8.19 10.86
C VAL B 429 -0.29 -7.90 9.95
N VAL B 430 -1.34 -8.69 10.12
CA VAL B 430 -2.54 -8.53 9.31
C VAL B 430 -3.40 -7.37 9.81
N GLY B 431 -3.94 -6.61 8.87
CA GLY B 431 -4.75 -5.47 9.22
C GLY B 431 -3.82 -4.30 9.47
N LEU B 432 -4.36 -3.23 10.06
CA LEU B 432 -3.58 -2.06 10.39
C LEU B 432 -2.86 -2.23 11.70
N THR B 433 -1.56 -1.93 11.71
CA THR B 433 -0.78 -2.02 12.94
C THR B 433 0.19 -0.85 12.90
N ASP B 434 0.94 -0.66 13.98
CA ASP B 434 1.92 0.41 13.98
C ASP B 434 3.29 -0.24 13.85
N GLN B 435 4.24 0.51 13.32
CA GLN B 435 5.58 0.01 13.14
C GLN B 435 6.14 -0.52 14.47
N THR B 436 5.76 0.09 15.59
CA THR B 436 6.25 -0.37 16.88
C THR B 436 5.64 -1.71 17.28
N ASP B 437 4.49 -2.02 16.74
CA ASP B 437 3.84 -3.30 17.05
C ASP B 437 4.75 -4.41 16.57
N LEU B 438 5.55 -4.13 15.55
CA LEU B 438 6.44 -5.15 15.02
C LEU B 438 7.47 -5.59 16.07
N PHE B 439 7.92 -4.66 16.89
CA PHE B 439 8.89 -4.98 17.93
C PHE B 439 8.22 -5.96 18.87
N TYR B 440 7.03 -5.59 19.33
CA TYR B 440 6.25 -6.40 20.25
C TYR B 440 5.82 -7.74 19.68
N THR B 441 5.57 -7.76 18.37
CA THR B 441 5.17 -9.01 17.74
C THR B 441 6.35 -9.97 17.78
N MET B 442 7.53 -9.47 17.44
CA MET B 442 8.72 -10.29 17.43
C MET B 442 9.07 -10.73 18.84
N LYS B 443 9.02 -9.79 19.78
CA LYS B 443 9.31 -10.04 21.19
C LYS B 443 8.44 -11.18 21.70
N ALA B 444 7.15 -11.10 21.42
CA ALA B 444 6.20 -12.12 21.87
C ALA B 444 6.40 -13.47 21.18
N ALA B 445 6.65 -13.45 19.87
CA ALA B 445 6.84 -14.69 19.12
C ALA B 445 8.01 -15.51 19.64
N LEU B 446 9.09 -14.83 20.02
CA LEU B 446 10.29 -15.50 20.54
C LEU B 446 10.21 -15.66 22.05
N GLY B 447 9.27 -14.94 22.68
CA GLY B 447 9.10 -15.04 24.12
C GLY B 447 10.21 -14.38 24.92
N LEU B 448 10.67 -13.21 24.46
CA LEU B 448 11.74 -12.49 25.14
C LEU B 448 11.20 -11.57 26.23
N LYS B 449 11.95 -11.41 27.32
CA LYS B 449 11.52 -10.56 28.42
C LYS B 449 12.23 -9.22 28.46
N HIS C 1 18.43 12.57 9.58
CA HIS C 1 19.57 13.42 9.93
C HIS C 1 20.75 13.15 8.99
N ALA C 2 20.76 11.97 8.39
CA ALA C 2 20.93 11.86 6.94
C ALA C 2 19.75 11.12 6.31
N TPO C 3 19.11 11.75 5.33
CA TPO C 3 18.22 11.04 4.42
CB TPO C 3 17.01 10.45 5.16
CG2 TPO C 3 16.02 11.44 5.40
OG1 TPO C 3 16.42 9.30 4.37
P TPO C 3 16.58 7.81 4.42
O1P TPO C 3 15.67 6.94 3.64
O2P TPO C 3 18.10 7.45 4.01
O3P TPO C 3 16.50 7.37 5.96
C TPO C 3 17.71 11.98 3.33
O TPO C 3 16.50 12.15 3.16
N PRO C 4 18.63 12.56 2.57
CA PRO C 4 19.92 13.00 3.14
C PRO C 4 19.77 14.30 3.93
N PRO C 5 20.65 14.50 4.90
CA PRO C 5 20.58 15.68 5.77
C PRO C 5 20.60 16.97 4.96
N LYS C 6 20.39 18.10 5.63
CA LYS C 6 21.16 19.30 5.37
C LYS C 6 22.17 19.57 6.48
N LYS C 7 23.22 20.31 6.17
CA LYS C 7 24.52 20.12 6.82
C LYS C 7 25.02 18.68 6.65
N GLU C 8 25.40 18.07 7.76
CA GLU C 8 26.22 16.86 7.73
C GLU C 8 27.45 17.07 6.84
N ALA C 9 28.36 17.90 7.31
CA ALA C 9 29.17 18.73 6.42
C ALA C 9 30.51 19.09 7.04
N ASP C 10 31.38 19.71 6.26
CA ASP C 10 32.02 20.96 6.65
C ASP C 10 31.20 21.68 7.71
P PO4 D . -11.34 9.39 -13.56
O1 PO4 D . -9.91 9.59 -13.84
O2 PO4 D . -11.64 7.81 -13.66
O3 PO4 D . -11.61 9.68 -11.99
O4 PO4 D . -12.35 10.13 -14.35
C TRS E . -9.47 7.51 17.91
C1 TRS E . -9.25 6.60 19.06
C2 TRS E . -10.93 7.21 17.55
C3 TRS E . -9.55 8.99 18.29
N TRS E . -8.83 7.18 16.58
O1 TRS E . -8.09 7.03 19.82
O2 TRS E . -11.07 5.85 17.14
O3 TRS E . -8.38 9.67 17.86
#